data_8Y86
#
_entry.id   8Y86
#
_cell.length_a   1.00
_cell.length_b   1.00
_cell.length_c   1.00
_cell.angle_alpha   90.00
_cell.angle_beta   90.00
_cell.angle_gamma   90.00
#
_symmetry.space_group_name_H-M   'P 1'
#
loop_
_entity.id
_entity.type
_entity.pdbx_description
1 polymer 'Anion exchange protein 3'
2 non-polymer 'BICARBONATE ION'
#
_entity_poly.entity_id   1
_entity_poly.type   'polypeptide(L)'
_entity_poly.pdbx_seq_one_letter_code
;MANGVIPPPGGASPLPQVRVPLEEPPLSPDVEEEDDDLGKTLAVSRFGDLISKPPAWDPEKPSRSYSERDFEFHRHTSHH
THHPLSARLPPPHKLRRLPPTSARHTRRKRKKEKTSAPPSEGTPPIQEEGGAGVDEEEEEEEEEEGESEAEPVEPPHSGT
PQKAKFSIGSDEDDSPGLPGRAAVTKPLPSVGPHTDKSPQHSSSSPSPRARASRLAGEKSRPWSPSASYDLRERLCPGSA
LGNPGGPEQQVPTDEAEAQMLGSADLDDMKSHRLEDNPGVRRHLVKKPSRTQGGRGSPSGLAPILRRKKKKKKLDRRPHE
VFVELNELMLDRSQEPHWRETARWIKFEEDVEEETERWGKPHVASLSFRSLLELRRTIAHGAALLDLEQTTLPGIAHLVV
ETMIVSDQIRPEDRASVLRTLLLKHSHPNDDKDSGFFPRNPSSSSMNSVLGNHHPTPSHGPDGAVPTMADDLGEPAPLWP
HDPDAKEKPLHMPGGDGHRGKSLKLLEKIPEDAEATVVLVGCVPFLEQPAAAFVRLNEAVLLESVLEVPVPVRFLFVMLG
PSHTSTDYHELGRSIATLMSDKLFHEAAYQADDRQDLLSAISEFLDGSIVIPPSEVEGRDLLRSVAAFQRELLRKRRERE
QTKVEMTTRGGYTAPGKELSLELGGSEATPEDDPLLRTGSVFGGLVRDVRRRYPHYPSDLRDALHSQCVAAVLFIYFAAL
SPAITFGGLLGEKTEGLMGVSELIVSTAVLGVLFSLLGAQPLLVVGFSGPLLVFEEAFFKFCRAQDLEYLTGRVWVGLWL
VVFVLALVAAEGSFLVRYISPFTQEIFAFLISLIFIYETFYKLYKVFTEHPLLPFYPPEGALEGSLDAGLEPNGSALPPT
EGPPSPRNQPNTALLSLILMLGTFFIAFFLRKFRNSRFLGGKARRIIGDFGIPISILVMVLVDYSITDTYTQKLTVPTGL
SVTSPDKRSWFIPPLGSARPFPPWMMVAAAVPALLVLILIFMETQITALIVSQKARRLLKGSGFHLDLLLIGSLGGLCGL
FGLPWLTAATVRSVTHVNALTVMRTAIAPGDKPQIQEVREQRVTGVLIASLVGLSIVMGAVLRRIPLAVLFGIFLYMGVT
SLSGIQLSQRLLLILMPAKHHPEQPYVTKVKTWRMHLFTCIQLGCIALLWVVKSTAASLAFPFLLLLTVPLRHCLLPRLF
QDRELQALDSEDAEPNFDEDGQDEYNELHMPV
;
_entity_poly.pdbx_strand_id   A,B
#
loop_
_chem_comp.id
_chem_comp.type
_chem_comp.name
_chem_comp.formula
BCT non-polymer 'BICARBONATE ION' 'C H O3 -1'
#
# COMPACT_ATOMS: atom_id res chain seq x y z
N ASP A 673 23.24 38.52 9.36
CA ASP A 673 24.43 38.36 8.54
C ASP A 673 25.51 37.54 9.24
N PRO A 674 25.26 36.24 9.41
CA PRO A 674 26.24 35.39 10.10
C PRO A 674 27.49 35.12 9.28
N LEU A 675 27.46 35.30 7.97
CA LEU A 675 28.58 34.97 7.11
C LEU A 675 29.45 36.16 6.75
N LEU A 676 29.18 37.33 7.31
CA LEU A 676 30.02 38.49 7.04
C LEU A 676 31.34 38.39 7.81
N ARG A 677 32.41 38.89 7.19
CA ARG A 677 33.72 38.89 7.81
C ARG A 677 33.89 40.14 8.66
N THR A 678 34.34 39.96 9.91
CA THR A 678 34.46 41.08 10.83
C THR A 678 35.85 41.70 10.84
N GLY A 679 36.89 40.91 10.59
CA GLY A 679 38.25 41.42 10.55
C GLY A 679 39.03 41.30 11.84
N SER A 680 38.47 40.71 12.88
CA SER A 680 39.16 40.50 14.14
C SER A 680 39.21 39.01 14.46
N VAL A 681 40.31 38.58 15.09
CA VAL A 681 40.53 37.17 15.34
C VAL A 681 39.42 36.60 16.21
N PHE A 682 38.92 35.42 15.81
CA PHE A 682 37.85 34.71 16.50
C PHE A 682 36.56 35.53 16.58
N GLY A 683 36.33 36.41 15.61
CA GLY A 683 35.13 37.24 15.63
C GLY A 683 33.85 36.43 15.45
N GLY A 684 33.86 35.50 14.49
CA GLY A 684 32.66 34.72 14.23
C GLY A 684 32.27 33.84 15.41
N LEU A 685 33.26 33.27 16.09
CA LEU A 685 32.97 32.45 17.27
C LEU A 685 32.33 33.27 18.37
N VAL A 686 32.86 34.47 18.64
CA VAL A 686 32.29 35.34 19.66
C VAL A 686 30.88 35.75 19.28
N ARG A 687 30.66 36.09 18.01
CA ARG A 687 29.32 36.46 17.57
C ARG A 687 28.33 35.31 17.73
N ASP A 688 28.75 34.09 17.37
CA ASP A 688 27.86 32.94 17.50
C ASP A 688 27.53 32.68 18.97
N VAL A 689 28.54 32.75 19.84
CA VAL A 689 28.29 32.51 21.27
C VAL A 689 27.33 33.55 21.81
N ARG A 690 27.58 34.83 21.51
CA ARG A 690 26.71 35.88 22.03
C ARG A 690 25.31 35.80 21.46
N ARG A 691 25.16 35.31 20.23
CA ARG A 691 23.83 35.20 19.64
C ARG A 691 23.05 34.03 20.23
N ARG A 692 23.71 32.90 20.49
CA ARG A 692 22.98 31.68 20.84
C ARG A 692 22.87 31.44 22.34
N TYR A 693 23.93 31.68 23.11
CA TYR A 693 23.94 31.28 24.51
C TYR A 693 22.83 31.89 25.37
N PRO A 694 22.44 33.16 25.20
CA PRO A 694 21.37 33.70 26.06
C PRO A 694 20.05 32.95 25.97
N HIS A 695 19.81 32.19 24.90
CA HIS A 695 18.58 31.43 24.77
C HIS A 695 18.62 30.08 25.49
N TYR A 696 19.58 29.88 26.40
CA TYR A 696 19.76 28.57 27.02
C TYR A 696 18.57 28.13 27.86
N PRO A 697 18.01 28.95 28.76
CA PRO A 697 16.83 28.48 29.52
C PRO A 697 15.65 28.13 28.63
N SER A 698 15.45 28.89 27.54
CA SER A 698 14.40 28.53 26.58
C SER A 698 14.70 27.18 25.93
N ASP A 699 15.97 26.94 25.63
CA ASP A 699 16.36 25.65 25.06
C ASP A 699 16.04 24.50 26.01
N LEU A 700 16.27 24.71 27.31
CA LEU A 700 15.96 23.67 28.28
C LEU A 700 14.46 23.50 28.45
N ARG A 701 13.70 24.60 28.43
CA ARG A 701 12.26 24.55 28.73
C ARG A 701 11.41 24.11 27.54
N ASP A 702 11.91 24.23 26.31
CA ASP A 702 11.10 23.90 25.15
C ASP A 702 10.92 22.39 24.96
N ALA A 703 11.51 21.56 25.81
CA ALA A 703 11.48 20.11 25.62
C ALA A 703 10.36 19.42 26.37
N LEU A 704 9.48 20.17 27.04
CA LEU A 704 8.38 19.57 27.80
C LEU A 704 7.17 19.44 26.90
N HIS A 705 7.13 18.33 26.16
CA HIS A 705 6.04 18.03 25.23
C HIS A 705 6.06 16.55 24.92
N SER A 706 4.95 16.07 24.36
CA SER A 706 4.86 14.66 23.99
C SER A 706 5.53 14.36 22.66
N GLN A 707 5.72 15.37 21.81
CA GLN A 707 6.38 15.17 20.54
C GLN A 707 7.87 14.86 20.70
N CYS A 708 8.49 15.40 21.74
CA CYS A 708 9.90 15.16 21.98
C CYS A 708 10.18 13.71 22.31
N VAL A 709 9.27 13.07 23.06
CA VAL A 709 9.45 11.65 23.38
C VAL A 709 9.40 10.79 22.12
N ALA A 710 8.45 11.08 21.23
CA ALA A 710 8.38 10.35 19.97
C ALA A 710 9.61 10.59 19.12
N ALA A 711 10.11 11.83 19.09
CA ALA A 711 11.32 12.12 18.35
C ALA A 711 12.51 11.34 18.91
N VAL A 712 12.63 11.27 20.23
CA VAL A 712 13.72 10.53 20.84
C VAL A 712 13.63 9.05 20.48
N LEU A 713 12.42 8.48 20.59
CA LEU A 713 12.24 7.07 20.30
C LEU A 713 12.56 6.74 18.84
N PHE A 714 12.18 7.63 17.92
CA PHE A 714 12.45 7.41 16.51
C PHE A 714 13.94 7.53 16.20
N ILE A 715 14.58 8.61 16.68
CA ILE A 715 15.95 8.87 16.28
C ILE A 715 16.93 7.94 16.98
N TYR A 716 16.56 7.39 18.14
CA TYR A 716 17.42 6.40 18.78
C TYR A 716 17.62 5.19 17.89
N PHE A 717 16.53 4.65 17.35
CA PHE A 717 16.63 3.55 16.40
C PHE A 717 17.28 3.99 15.10
N ALA A 718 16.99 5.21 14.65
CA ALA A 718 17.59 5.70 13.41
C ALA A 718 19.11 5.83 13.52
N ALA A 719 19.63 6.03 14.73
CA ALA A 719 21.05 6.26 14.91
C ALA A 719 21.83 5.05 15.43
N LEU A 720 21.17 4.10 16.11
CA LEU A 720 21.91 3.00 16.70
C LEU A 720 22.43 2.03 15.65
N SER A 721 21.58 1.63 14.70
CA SER A 721 21.90 0.59 13.73
C SER A 721 23.05 0.92 12.78
N PRO A 722 23.15 2.13 12.23
CA PRO A 722 24.33 2.45 11.40
C PRO A 722 25.63 2.32 12.17
N ALA A 723 25.62 2.61 13.47
CA ALA A 723 26.82 2.40 14.28
C ALA A 723 27.24 0.94 14.28
N ILE A 724 26.28 0.03 14.46
CA ILE A 724 26.60 -1.40 14.46
C ILE A 724 27.11 -1.85 13.10
N THR A 725 26.44 -1.43 12.03
CA THR A 725 26.86 -1.84 10.69
C THR A 725 28.26 -1.34 10.37
N PHE A 726 28.52 -0.06 10.60
CA PHE A 726 29.83 0.50 10.30
C PHE A 726 30.89 -0.04 11.24
N GLY A 727 30.53 -0.40 12.48
CA GLY A 727 31.48 -1.03 13.36
C GLY A 727 31.90 -2.41 12.86
N GLY A 728 30.93 -3.18 12.36
CA GLY A 728 31.27 -4.46 11.76
C GLY A 728 32.17 -4.31 10.56
N LEU A 729 31.83 -3.37 9.66
CA LEU A 729 32.67 -3.13 8.49
C LEU A 729 34.07 -2.67 8.88
N LEU A 730 34.16 -1.77 9.87
CA LEU A 730 35.45 -1.25 10.29
C LEU A 730 36.29 -2.33 10.95
N GLY A 731 35.67 -3.22 11.72
CA GLY A 731 36.40 -4.34 12.28
C GLY A 731 36.89 -5.28 11.20
N GLU A 732 36.10 -5.48 10.15
CA GLU A 732 36.55 -6.30 9.03
C GLU A 732 37.75 -5.66 8.32
N LYS A 733 37.71 -4.35 8.11
CA LYS A 733 38.75 -3.69 7.32
C LYS A 733 40.07 -3.58 8.08
N THR A 734 40.02 -3.20 9.36
CA THR A 734 41.21 -2.85 10.11
C THR A 734 41.73 -4.00 10.97
N GLU A 735 41.36 -5.24 10.66
CA GLU A 735 41.87 -6.42 11.36
C GLU A 735 41.59 -6.36 12.86
N GLY A 736 40.43 -5.84 13.22
CA GLY A 736 39.99 -5.86 14.60
C GLY A 736 40.60 -4.82 15.52
N LEU A 737 41.30 -3.82 14.97
CA LEU A 737 41.84 -2.77 15.84
C LEU A 737 40.76 -1.79 16.28
N MET A 738 39.75 -1.56 15.44
CA MET A 738 38.61 -0.72 15.78
C MET A 738 37.33 -1.46 15.43
N GLY A 739 36.34 -1.42 16.31
CA GLY A 739 35.14 -2.19 16.11
C GLY A 739 33.86 -1.47 16.42
N VAL A 740 32.97 -2.12 17.16
CA VAL A 740 31.65 -1.56 17.46
C VAL A 740 31.66 -0.76 18.75
N SER A 741 32.35 -1.27 19.78
CA SER A 741 32.38 -0.58 21.07
C SER A 741 33.04 0.79 20.94
N GLU A 742 34.13 0.88 20.17
CA GLU A 742 34.80 2.16 19.97
C GLU A 742 33.87 3.16 19.30
N LEU A 743 33.15 2.72 18.25
CA LEU A 743 32.23 3.61 17.55
C LEU A 743 31.09 4.04 18.47
N ILE A 744 30.57 3.13 19.28
CA ILE A 744 29.48 3.48 20.20
C ILE A 744 29.95 4.51 21.22
N VAL A 745 31.13 4.30 21.79
CA VAL A 745 31.65 5.23 22.80
C VAL A 745 31.87 6.60 22.17
N SER A 746 32.49 6.64 20.99
CA SER A 746 32.74 7.91 20.31
C SER A 746 31.44 8.63 20.01
N THR A 747 30.45 7.91 19.48
CA THR A 747 29.17 8.52 19.15
C THR A 747 28.52 9.11 20.40
N ALA A 748 28.48 8.34 21.49
CA ALA A 748 27.84 8.81 22.71
C ALA A 748 28.52 10.07 23.24
N VAL A 749 29.85 10.02 23.41
CA VAL A 749 30.56 11.13 24.04
C VAL A 749 30.48 12.38 23.16
N LEU A 750 30.75 12.22 21.86
CA LEU A 750 30.73 13.39 20.97
C LEU A 750 29.34 13.97 20.85
N GLY A 751 28.31 13.13 20.78
CA GLY A 751 26.95 13.65 20.69
C GLY A 751 26.54 14.41 21.94
N VAL A 752 26.86 13.86 23.12
CA VAL A 752 26.52 14.54 24.36
C VAL A 752 27.22 15.90 24.43
N LEU A 753 28.53 15.92 24.16
CA LEU A 753 29.28 17.17 24.26
C LEU A 753 28.79 18.19 23.24
N PHE A 754 28.56 17.76 22.00
CA PHE A 754 28.11 18.69 20.97
C PHE A 754 26.73 19.24 21.28
N SER A 755 25.81 18.39 21.75
CA SER A 755 24.47 18.89 22.08
C SER A 755 24.49 19.80 23.29
N LEU A 756 25.44 19.60 24.21
CA LEU A 756 25.54 20.50 25.35
C LEU A 756 26.20 21.83 25.01
N LEU A 757 27.15 21.84 24.08
CA LEU A 757 27.93 23.05 23.81
C LEU A 757 27.75 23.62 22.41
N GLY A 758 27.09 22.91 21.49
CA GLY A 758 26.99 23.39 20.13
C GLY A 758 26.00 24.53 19.97
N ALA A 759 26.19 25.31 18.91
CA ALA A 759 25.28 26.40 18.59
C ALA A 759 24.07 25.93 17.80
N GLN A 760 24.12 24.74 17.21
CA GLN A 760 22.99 24.13 16.51
C GLN A 760 22.83 22.72 17.05
N PRO A 761 22.10 22.54 18.15
CA PRO A 761 21.99 21.23 18.77
C PRO A 761 21.06 20.26 18.04
N LEU A 762 20.53 20.63 16.87
CA LEU A 762 19.68 19.75 16.10
C LEU A 762 20.46 18.87 15.12
N LEU A 763 21.78 19.02 15.07
CA LEU A 763 22.60 18.16 14.25
C LEU A 763 22.93 16.86 14.99
N VAL A 764 23.00 15.77 14.24
CA VAL A 764 23.31 14.45 14.79
C VAL A 764 24.62 14.00 14.18
N VAL A 765 25.60 13.69 15.03
CA VAL A 765 26.93 13.29 14.59
C VAL A 765 26.99 11.77 14.49
N GLY A 766 27.86 11.29 13.61
CA GLY A 766 28.02 9.87 13.41
C GLY A 766 29.07 9.59 12.36
N PHE A 767 29.19 8.31 12.02
CA PHE A 767 30.11 7.83 11.01
C PHE A 767 29.45 7.86 9.64
N SER A 768 30.28 7.73 8.59
CA SER A 768 29.79 7.79 7.23
C SER A 768 30.72 7.00 6.32
N GLY A 769 30.33 6.90 5.06
CA GLY A 769 31.06 6.15 4.06
C GLY A 769 32.44 6.68 3.72
N PRO A 770 32.55 7.98 3.42
CA PRO A 770 33.88 8.55 3.11
C PRO A 770 34.87 8.37 4.25
N LEU A 771 34.42 8.47 5.50
CA LEU A 771 35.32 8.23 6.62
C LEU A 771 35.83 6.80 6.61
N LEU A 772 34.95 5.84 6.32
CA LEU A 772 35.38 4.44 6.22
C LEU A 772 36.38 4.24 5.09
N VAL A 773 36.15 4.89 3.95
CA VAL A 773 37.08 4.79 2.83
C VAL A 773 38.45 5.32 3.21
N PHE A 774 38.47 6.49 3.86
CA PHE A 774 39.74 7.05 4.30
C PHE A 774 40.44 6.16 5.31
N GLU A 775 39.68 5.58 6.24
CA GLU A 775 40.28 4.71 7.25
C GLU A 775 40.90 3.48 6.60
N GLU A 776 40.20 2.87 5.65
CA GLU A 776 40.76 1.68 4.99
C GLU A 776 41.99 2.04 4.15
N ALA A 777 41.96 3.20 3.48
CA ALA A 777 43.13 3.61 2.69
C ALA A 777 44.33 3.87 3.60
N PHE A 778 44.11 4.55 4.73
CA PHE A 778 45.21 4.84 5.64
C PHE A 778 45.74 3.57 6.27
N PHE A 779 44.87 2.61 6.58
CA PHE A 779 45.34 1.33 7.11
C PHE A 779 46.21 0.60 6.10
N LYS A 780 45.78 0.60 4.83
CA LYS A 780 46.60 -0.04 3.79
C LYS A 780 47.95 0.65 3.66
N PHE A 781 47.96 1.98 3.68
CA PHE A 781 49.22 2.71 3.57
C PHE A 781 50.14 2.41 4.75
N CYS A 782 49.58 2.38 5.97
CA CYS A 782 50.40 2.10 7.14
C CYS A 782 50.94 0.68 7.12
N ARG A 783 50.13 -0.28 6.66
CA ARG A 783 50.60 -1.66 6.58
C ARG A 783 51.70 -1.81 5.53
N ALA A 784 51.58 -1.10 4.41
CA ALA A 784 52.58 -1.21 3.34
C ALA A 784 53.93 -0.69 3.80
N GLN A 785 53.96 0.42 4.53
CA GLN A 785 55.20 1.08 4.92
C GLN A 785 55.75 0.59 6.25
N ASP A 786 55.13 -0.41 6.87
CA ASP A 786 55.57 -0.95 8.16
C ASP A 786 55.54 0.11 9.25
N LEU A 787 54.38 0.73 9.42
CA LEU A 787 54.15 1.71 10.46
C LEU A 787 52.99 1.26 11.33
N GLU A 788 52.91 1.83 12.53
CA GLU A 788 51.79 1.54 13.43
C GLU A 788 50.59 2.39 13.05
N TYR A 789 49.42 1.76 13.02
CA TYR A 789 48.21 2.41 12.54
C TYR A 789 47.71 3.47 13.53
N LEU A 790 47.65 3.12 14.82
CA LEU A 790 47.02 3.99 15.79
C LEU A 790 47.87 5.20 16.12
N THR A 791 49.20 5.04 16.14
CA THR A 791 50.07 6.21 16.36
C THR A 791 49.98 7.18 15.18
N GLY A 792 49.93 6.65 13.95
CA GLY A 792 49.69 7.50 12.81
C GLY A 792 48.38 8.24 12.91
N ARG A 793 47.33 7.55 13.39
CA ARG A 793 46.06 8.23 13.61
C ARG A 793 46.19 9.33 14.65
N VAL A 794 46.99 9.09 15.69
CA VAL A 794 47.19 10.10 16.73
C VAL A 794 47.79 11.37 16.12
N TRP A 795 48.83 11.20 15.32
CA TRP A 795 49.51 12.37 14.76
C TRP A 795 48.63 13.06 13.72
N VAL A 796 47.86 12.28 12.95
CA VAL A 796 46.90 12.87 12.02
C VAL A 796 45.88 13.71 12.76
N GLY A 797 45.38 13.21 13.90
CA GLY A 797 44.43 13.98 14.68
C GLY A 797 45.02 15.26 15.24
N LEU A 798 46.27 15.20 15.70
CA LEU A 798 46.91 16.42 16.19
C LEU A 798 47.05 17.47 15.08
N TRP A 799 47.47 17.05 13.89
CA TRP A 799 47.58 17.99 12.79
C TRP A 799 46.21 18.53 12.38
N LEU A 800 45.17 17.69 12.44
CA LEU A 800 43.83 18.15 12.14
C LEU A 800 43.37 19.20 13.14
N VAL A 801 43.67 19.00 14.43
CA VAL A 801 43.34 20.00 15.44
C VAL A 801 44.02 21.32 15.13
N VAL A 802 45.31 21.27 14.79
CA VAL A 802 46.05 22.49 14.49
C VAL A 802 45.43 23.21 13.29
N PHE A 803 45.12 22.45 12.24
CA PHE A 803 44.56 23.05 11.02
C PHE A 803 43.19 23.67 11.29
N VAL A 804 42.34 22.98 12.05
CA VAL A 804 41.01 23.50 12.33
C VAL A 804 41.11 24.77 13.18
N LEU A 805 42.01 24.79 14.16
CA LEU A 805 42.19 25.98 14.97
C LEU A 805 42.66 27.15 14.11
N ALA A 806 43.62 26.91 13.22
CA ALA A 806 44.11 27.98 12.35
C ALA A 806 43.02 28.47 11.41
N LEU A 807 42.20 27.56 10.88
CA LEU A 807 41.13 27.95 9.98
C LEU A 807 40.07 28.80 10.69
N VAL A 808 39.70 28.41 11.90
CA VAL A 808 38.66 29.14 12.62
C VAL A 808 39.19 30.49 13.07
N ALA A 809 40.46 30.56 13.49
CA ALA A 809 41.01 31.82 13.99
C ALA A 809 41.05 32.91 12.92
N ALA A 810 41.03 32.55 11.64
CA ALA A 810 41.11 33.51 10.56
C ALA A 810 39.76 33.78 9.92
N GLU A 811 38.67 33.38 10.57
CA GLU A 811 37.31 33.53 10.04
C GLU A 811 37.18 32.90 8.65
N GLY A 812 37.74 31.71 8.51
CA GLY A 812 37.73 31.03 7.23
C GLY A 812 36.44 30.36 6.86
N SER A 813 35.43 30.42 7.73
CA SER A 813 34.13 29.80 7.47
C SER A 813 33.18 30.73 6.74
N PHE A 814 33.68 31.82 6.17
CA PHE A 814 32.84 32.72 5.38
C PHE A 814 32.75 32.27 3.92
N LEU A 815 33.53 31.28 3.51
CA LEU A 815 33.45 30.73 2.17
C LEU A 815 32.20 29.89 1.94
N VAL A 816 31.44 29.59 3.01
CA VAL A 816 30.14 28.96 2.87
C VAL A 816 29.15 29.86 2.16
N ARG A 817 29.47 31.15 2.02
CA ARG A 817 28.63 32.07 1.27
C ARG A 817 28.53 31.70 -0.20
N TYR A 818 29.55 31.02 -0.73
CA TYR A 818 29.61 30.68 -2.14
C TYR A 818 28.98 29.34 -2.49
N ILE A 819 28.39 28.64 -1.51
CA ILE A 819 27.77 27.34 -1.76
C ILE A 819 26.30 27.61 -2.09
N SER A 820 25.98 27.58 -3.37
CA SER A 820 24.64 27.85 -3.86
C SER A 820 23.74 26.63 -3.67
N PRO A 821 22.42 26.81 -3.77
CA PRO A 821 21.51 25.66 -3.69
C PRO A 821 21.74 24.62 -4.78
N PHE A 822 22.45 24.97 -5.85
CA PHE A 822 22.93 23.98 -6.82
C PHE A 822 23.64 22.82 -6.12
N THR A 823 24.74 23.13 -5.42
CA THR A 823 25.54 22.11 -4.77
C THR A 823 24.77 21.42 -3.64
N GLN A 824 23.98 22.18 -2.88
CA GLN A 824 23.22 21.59 -1.78
C GLN A 824 22.22 20.57 -2.30
N GLU A 825 21.51 20.92 -3.38
CA GLU A 825 20.54 20.01 -3.96
C GLU A 825 21.23 18.76 -4.50
N ILE A 826 22.36 18.93 -5.19
CA ILE A 826 23.08 17.77 -5.71
C ILE A 826 23.48 16.84 -4.57
N PHE A 827 24.07 17.40 -3.51
CA PHE A 827 24.54 16.61 -2.38
C PHE A 827 23.39 15.86 -1.71
N ALA A 828 22.31 16.56 -1.39
CA ALA A 828 21.20 15.93 -0.69
C ALA A 828 20.57 14.83 -1.53
N PHE A 829 20.35 15.09 -2.82
CA PHE A 829 19.74 14.08 -3.68
C PHE A 829 20.61 12.84 -3.78
N LEU A 830 21.92 13.04 -3.97
CA LEU A 830 22.82 11.89 -4.06
C LEU A 830 22.83 11.07 -2.78
N ILE A 831 22.88 11.75 -1.63
CA ILE A 831 22.96 11.04 -0.35
C ILE A 831 21.69 10.23 -0.12
N SER A 832 20.52 10.83 -0.35
CA SER A 832 19.27 10.10 -0.11
C SER A 832 19.11 8.94 -1.07
N LEU A 833 19.48 9.13 -2.34
CA LEU A 833 19.37 8.05 -3.30
C LEU A 833 20.27 6.88 -2.92
N ILE A 834 21.50 7.17 -2.48
CA ILE A 834 22.40 6.10 -2.04
C ILE A 834 21.84 5.40 -0.80
N PHE A 835 21.25 6.16 0.11
CA PHE A 835 20.60 5.57 1.28
C PHE A 835 19.57 4.52 0.88
N ILE A 836 18.67 4.90 -0.04
CA ILE A 836 17.63 3.97 -0.48
C ILE A 836 18.25 2.74 -1.15
N TYR A 837 19.27 2.97 -1.98
CA TYR A 837 19.91 1.85 -2.67
C TYR A 837 20.52 0.86 -1.69
N GLU A 838 21.22 1.35 -0.66
CA GLU A 838 21.81 0.43 0.32
C GLU A 838 20.74 -0.32 1.09
N THR A 839 19.62 0.34 1.41
CA THR A 839 18.54 -0.38 2.09
C THR A 839 18.02 -1.54 1.23
N PHE A 840 17.80 -1.28 -0.05
CA PHE A 840 17.31 -2.34 -0.93
C PHE A 840 18.35 -3.44 -1.12
N TYR A 841 19.64 -3.09 -1.16
CA TYR A 841 20.67 -4.11 -1.27
C TYR A 841 20.74 -4.98 -0.01
N LYS A 842 20.57 -4.37 1.15
CA LYS A 842 20.52 -5.14 2.39
C LYS A 842 19.35 -6.11 2.39
N LEU A 843 18.21 -5.68 1.87
CA LEU A 843 17.09 -6.62 1.71
C LEU A 843 17.45 -7.74 0.75
N TYR A 844 18.12 -7.40 -0.36
CA TYR A 844 18.44 -8.40 -1.38
C TYR A 844 19.36 -9.48 -0.84
N LYS A 845 20.33 -9.10 0.00
CA LYS A 845 21.31 -10.06 0.51
C LYS A 845 20.68 -11.23 1.26
N VAL A 846 19.55 -11.01 1.95
CA VAL A 846 18.85 -12.08 2.65
C VAL A 846 18.36 -13.17 1.69
N PHE A 847 17.91 -12.80 0.50
CA PHE A 847 17.41 -13.75 -0.48
C PHE A 847 18.52 -14.62 -1.06
N THR A 848 19.78 -14.27 -0.82
CA THR A 848 20.90 -15.09 -1.25
C THR A 848 21.43 -15.89 -0.06
N GLU A 849 21.28 -15.34 1.15
CA GLU A 849 21.61 -16.12 2.34
C GLU A 849 20.63 -17.26 2.57
N HIS A 850 19.33 -17.03 2.35
CA HIS A 850 18.29 -18.02 2.61
C HIS A 850 17.43 -18.16 1.35
N PRO A 851 17.92 -18.89 0.35
CA PRO A 851 17.19 -18.99 -0.91
C PRO A 851 15.96 -19.87 -0.81
N LEU A 852 15.09 -19.75 -1.83
CA LEU A 852 13.89 -20.57 -1.93
C LEU A 852 14.25 -21.87 -2.64
N LEU A 853 14.27 -22.97 -1.89
CA LEU A 853 14.68 -24.26 -2.42
C LEU A 853 13.48 -25.21 -2.51
N PRO A 854 13.54 -26.20 -3.41
CA PRO A 854 12.46 -27.20 -3.44
C PRO A 854 12.40 -28.06 -2.20
N PHE A 855 13.54 -28.61 -1.76
CA PHE A 855 13.62 -29.45 -0.58
C PHE A 855 14.55 -28.82 0.44
N TYR A 856 14.20 -28.97 1.72
CA TYR A 856 14.99 -28.43 2.82
C TYR A 856 15.39 -29.58 3.74
N PRO A 857 16.54 -30.20 3.52
CA PRO A 857 16.91 -31.36 4.33
C PRO A 857 17.28 -30.94 5.74
N PRO A 858 17.04 -31.79 6.73
CA PRO A 858 17.38 -31.44 8.11
C PRO A 858 18.89 -31.35 8.32
N GLU A 859 19.27 -30.54 9.29
CA GLU A 859 20.67 -30.34 9.63
C GLU A 859 21.30 -31.62 10.17
N PRO A 884 28.59 -19.41 13.75
CA PRO A 884 27.76 -20.40 13.06
C PRO A 884 26.33 -19.90 12.84
N SER A 885 26.20 -18.81 12.10
CA SER A 885 24.88 -18.25 11.83
C SER A 885 24.09 -19.21 10.93
N PRO A 886 22.78 -19.34 11.15
CA PRO A 886 21.98 -20.27 10.33
C PRO A 886 21.98 -19.86 8.87
N ARG A 887 21.95 -20.86 8.00
CA ARG A 887 21.91 -20.65 6.56
C ARG A 887 20.94 -21.65 5.93
N ASN A 888 20.38 -21.26 4.79
CA ASN A 888 19.45 -22.08 4.03
C ASN A 888 18.24 -22.47 4.89
N GLN A 889 17.51 -21.45 5.32
CA GLN A 889 16.35 -21.64 6.18
C GLN A 889 15.06 -21.37 5.41
N PRO A 890 13.98 -22.09 5.72
CA PRO A 890 12.71 -21.82 5.05
C PRO A 890 11.94 -20.68 5.68
N ASN A 891 11.11 -20.03 4.85
CA ASN A 891 10.16 -19.01 5.28
C ASN A 891 10.83 -17.77 5.85
N THR A 892 12.12 -17.56 5.57
CA THR A 892 12.85 -16.44 6.17
C THR A 892 12.84 -15.20 5.28
N ALA A 893 13.23 -15.35 4.01
CA ALA A 893 13.31 -14.20 3.11
C ALA A 893 11.94 -13.57 2.88
N LEU A 894 10.91 -14.40 2.66
CA LEU A 894 9.58 -13.89 2.41
C LEU A 894 9.02 -13.20 3.66
N LEU A 895 9.28 -13.77 4.84
CA LEU A 895 8.83 -13.13 6.07
C LEU A 895 9.53 -11.80 6.30
N SER A 896 10.82 -11.72 5.99
CA SER A 896 11.54 -10.46 6.12
C SER A 896 10.98 -9.40 5.18
N LEU A 897 10.69 -9.79 3.93
CA LEU A 897 10.09 -8.87 2.98
C LEU A 897 8.73 -8.38 3.48
N ILE A 898 7.92 -9.31 4.02
CA ILE A 898 6.61 -8.94 4.52
C ILE A 898 6.73 -7.97 5.68
N LEU A 899 7.65 -8.22 6.61
CA LEU A 899 7.84 -7.33 7.75
C LEU A 899 8.26 -5.94 7.31
N MET A 900 9.22 -5.87 6.37
CA MET A 900 9.67 -4.58 5.86
C MET A 900 8.53 -3.80 5.23
N LEU A 901 7.80 -4.45 4.32
CA LEU A 901 6.71 -3.75 3.62
C LEU A 901 5.61 -3.34 4.59
N GLY A 902 5.28 -4.20 5.55
CA GLY A 902 4.25 -3.86 6.52
C GLY A 902 4.64 -2.67 7.38
N THR A 903 5.89 -2.64 7.87
CA THR A 903 6.33 -1.50 8.66
C THR A 903 6.25 -0.22 7.85
N PHE A 904 6.76 -0.25 6.61
CA PHE A 904 6.75 0.95 5.79
C PHE A 904 5.33 1.44 5.53
N PHE A 905 4.42 0.51 5.19
CA PHE A 905 3.06 0.93 4.84
C PHE A 905 2.29 1.43 6.06
N ILE A 906 2.46 0.78 7.21
CA ILE A 906 1.78 1.26 8.42
C ILE A 906 2.27 2.65 8.78
N ALA A 907 3.59 2.88 8.69
CA ALA A 907 4.12 4.20 9.00
C ALA A 907 3.56 5.25 8.03
N PHE A 908 3.54 4.93 6.73
CA PHE A 908 3.06 5.89 5.75
C PHE A 908 1.58 6.22 5.97
N PHE A 909 0.76 5.19 6.22
CA PHE A 909 -0.66 5.42 6.42
C PHE A 909 -0.93 6.20 7.70
N LEU A 910 -0.21 5.89 8.77
CA LEU A 910 -0.39 6.65 10.01
C LEU A 910 0.04 8.10 9.84
N ARG A 911 1.08 8.35 9.06
CA ARG A 911 1.47 9.73 8.78
C ARG A 911 0.41 10.45 7.95
N LYS A 912 -0.19 9.76 6.97
CA LYS A 912 -1.25 10.37 6.18
C LYS A 912 -2.51 10.61 7.01
N PHE A 913 -2.71 9.83 8.07
CA PHE A 913 -3.89 9.99 8.92
C PHE A 913 -3.92 11.33 9.65
N ARG A 914 -2.78 12.03 9.73
CA ARG A 914 -2.73 13.29 10.46
C ARG A 914 -3.64 14.36 9.85
N ASN A 915 -3.64 14.45 8.52
CA ASN A 915 -4.36 15.52 7.83
C ASN A 915 -5.80 15.15 7.49
N SER A 916 -6.29 14.02 7.99
CA SER A 916 -7.66 13.61 7.72
C SER A 916 -8.62 14.40 8.62
N ARG A 917 -9.90 14.02 8.59
CA ARG A 917 -10.92 14.69 9.37
C ARG A 917 -11.55 13.80 10.45
N PHE A 918 -11.13 12.54 10.55
CA PHE A 918 -11.70 11.64 11.53
C PHE A 918 -11.14 11.93 12.93
N LEU A 919 -11.96 11.63 13.94
CA LEU A 919 -11.60 11.80 15.34
C LEU A 919 -11.33 13.26 15.68
N GLY A 920 -10.99 13.54 16.95
CA GLY A 920 -10.73 14.90 17.35
C GLY A 920 -9.35 15.38 16.93
N GLY A 921 -9.12 16.67 17.12
CA GLY A 921 -7.83 17.25 16.78
C GLY A 921 -6.71 16.74 17.67
N LYS A 922 -6.96 16.68 18.98
CA LYS A 922 -5.93 16.20 19.90
C LYS A 922 -5.59 14.73 19.64
N ALA A 923 -6.61 13.90 19.41
CA ALA A 923 -6.35 12.50 19.11
C ALA A 923 -5.58 12.35 17.80
N ARG A 924 -5.93 13.15 16.79
CA ARG A 924 -5.21 13.10 15.53
C ARG A 924 -3.75 13.47 15.72
N ARG A 925 -3.48 14.55 16.47
CA ARG A 925 -2.10 14.96 16.70
C ARG A 925 -1.32 13.89 17.45
N ILE A 926 -1.93 13.32 18.50
CA ILE A 926 -1.23 12.33 19.32
C ILE A 926 -0.92 11.08 18.50
N ILE A 927 -1.89 10.61 17.72
CA ILE A 927 -1.67 9.39 16.94
C ILE A 927 -0.66 9.65 15.82
N GLY A 928 -0.70 10.83 15.21
CA GLY A 928 0.25 11.13 14.15
C GLY A 928 1.67 11.27 14.66
N ASP A 929 1.85 11.84 15.85
CA ASP A 929 3.19 11.99 16.41
C ASP A 929 3.84 10.63 16.67
N PHE A 930 3.06 9.67 17.16
CA PHE A 930 3.58 8.35 17.53
C PHE A 930 3.37 7.31 16.44
N GLY A 931 3.38 7.74 15.17
CA GLY A 931 3.11 6.79 14.10
C GLY A 931 4.19 5.74 13.94
N ILE A 932 5.45 6.14 14.00
CA ILE A 932 6.59 5.24 13.77
C ILE A 932 6.81 4.33 14.98
N PRO A 933 6.77 4.84 16.23
CA PRO A 933 6.79 3.89 17.35
C PRO A 933 5.66 2.88 17.33
N ILE A 934 4.46 3.30 16.91
CA ILE A 934 3.34 2.37 16.82
C ILE A 934 3.60 1.32 15.75
N SER A 935 4.13 1.75 14.59
CA SER A 935 4.47 0.79 13.54
C SER A 935 5.48 -0.23 14.03
N ILE A 936 6.54 0.24 14.70
CA ILE A 936 7.59 -0.65 15.17
C ILE A 936 7.02 -1.63 16.20
N LEU A 937 6.23 -1.14 17.14
CA LEU A 937 5.67 -2.01 18.17
C LEU A 937 4.74 -3.05 17.56
N VAL A 938 3.88 -2.63 16.63
CA VAL A 938 2.93 -3.56 16.01
C VAL A 938 3.67 -4.65 15.25
N MET A 939 4.68 -4.27 14.46
CA MET A 939 5.39 -5.27 13.67
C MET A 939 6.24 -6.18 14.55
N VAL A 940 6.82 -5.65 15.63
CA VAL A 940 7.56 -6.50 16.57
C VAL A 940 6.63 -7.51 17.22
N LEU A 941 5.43 -7.07 17.62
CA LEU A 941 4.47 -8.00 18.21
C LEU A 941 4.01 -9.04 17.20
N VAL A 942 3.83 -8.64 15.94
CA VAL A 942 3.46 -9.59 14.90
C VAL A 942 4.55 -10.65 14.72
N ASP A 943 5.81 -10.22 14.67
CA ASP A 943 6.91 -11.16 14.53
C ASP A 943 7.11 -12.03 15.76
N TYR A 944 6.76 -11.53 16.94
CA TYR A 944 6.96 -12.28 18.17
C TYR A 944 6.02 -13.47 18.29
N SER A 945 4.83 -13.39 17.70
CA SER A 945 3.85 -14.47 17.82
C SER A 945 4.27 -15.69 17.01
N ILE A 946 4.85 -15.47 15.84
CA ILE A 946 5.30 -16.56 14.98
C ILE A 946 6.61 -17.11 15.50
N THR A 947 6.56 -18.21 16.26
CA THR A 947 7.77 -18.88 16.72
C THR A 947 7.84 -20.27 16.10
N ASP A 948 8.20 -20.31 14.82
CA ASP A 948 8.73 -21.49 14.17
C ASP A 948 9.85 -21.05 13.24
N THR A 949 9.82 -19.77 12.86
CA THR A 949 10.66 -19.26 11.79
C THR A 949 11.84 -18.48 12.34
N TYR A 950 12.99 -18.62 11.69
CA TYR A 950 14.18 -17.87 12.07
C TYR A 950 14.19 -16.50 11.41
N THR A 951 14.42 -15.46 12.20
CA THR A 951 14.65 -14.12 11.69
C THR A 951 15.84 -13.51 12.42
N GLN A 952 16.62 -12.71 11.70
CA GLN A 952 17.82 -12.10 12.25
C GLN A 952 17.44 -10.89 13.08
N LYS A 953 18.05 -10.78 14.26
CA LYS A 953 17.71 -9.74 15.22
C LYS A 953 18.96 -8.97 15.60
N LEU A 954 18.75 -7.85 16.31
CA LEU A 954 19.86 -6.97 16.67
C LEU A 954 20.81 -7.66 17.64
N THR A 955 22.10 -7.49 17.40
CA THR A 955 23.15 -7.96 18.31
C THR A 955 23.98 -6.74 18.71
N VAL A 956 24.32 -6.66 19.99
CA VAL A 956 25.06 -5.53 20.56
C VAL A 956 26.11 -6.11 21.50
N PRO A 957 27.36 -5.64 21.45
CA PRO A 957 28.37 -6.14 22.38
C PRO A 957 27.99 -5.84 23.82
N THR A 958 28.32 -6.78 24.71
CA THR A 958 28.01 -6.65 26.13
C THR A 958 29.27 -6.27 26.90
N GLY A 959 29.15 -5.26 27.74
CA GLY A 959 30.27 -4.78 28.51
C GLY A 959 31.06 -3.69 27.80
N LEU A 960 31.74 -2.87 28.60
CA LEU A 960 32.53 -1.76 28.08
C LEU A 960 33.99 -2.22 28.00
N SER A 961 34.35 -2.79 26.85
CA SER A 961 35.70 -3.29 26.64
C SER A 961 36.12 -3.03 25.20
N VAL A 962 37.43 -2.90 25.00
CA VAL A 962 37.97 -2.71 23.67
C VAL A 962 37.78 -4.00 22.86
N THR A 963 37.70 -3.85 21.53
CA THR A 963 37.39 -4.98 20.67
C THR A 963 38.46 -6.06 20.76
N SER A 964 39.74 -5.66 20.77
CA SER A 964 40.87 -6.59 20.82
C SER A 964 41.69 -6.28 22.05
N PRO A 965 41.33 -6.84 23.21
CA PRO A 965 42.09 -6.53 24.43
C PRO A 965 43.54 -7.00 24.40
N ASP A 966 43.87 -8.00 23.57
CA ASP A 966 45.25 -8.45 23.49
C ASP A 966 46.13 -7.47 22.73
N LYS A 967 45.61 -6.91 21.64
CA LYS A 967 46.45 -6.09 20.76
C LYS A 967 46.68 -4.69 21.33
N ARG A 968 45.69 -4.11 21.99
CA ARG A 968 45.75 -2.71 22.36
C ARG A 968 44.93 -2.46 23.61
N SER A 969 45.14 -1.28 24.20
CA SER A 969 44.41 -0.80 25.36
C SER A 969 43.66 0.48 24.99
N TRP A 970 43.05 1.12 25.99
CA TRP A 970 42.23 2.30 25.71
C TRP A 970 43.06 3.51 25.33
N PHE A 971 44.26 3.65 25.86
CA PHE A 971 45.11 4.80 25.61
C PHE A 971 46.25 4.41 24.67
N ILE A 972 46.42 5.18 23.60
CA ILE A 972 47.43 4.92 22.59
C ILE A 972 48.58 5.91 22.82
N PRO A 973 49.76 5.44 23.22
CA PRO A 973 50.89 6.36 23.41
C PRO A 973 51.26 7.05 22.11
N PRO A 974 51.59 8.35 22.16
CA PRO A 974 51.91 9.06 20.92
C PRO A 974 53.32 8.80 20.40
N LEU A 975 54.22 8.24 21.22
CA LEU A 975 55.59 8.01 20.81
C LEU A 975 55.86 6.57 20.39
N GLY A 976 54.85 5.72 20.37
CA GLY A 976 55.03 4.33 19.97
C GLY A 976 55.05 3.39 21.15
N SER A 977 54.36 2.24 21.01
CA SER A 977 54.29 1.26 22.08
C SER A 977 55.39 0.21 21.96
N ALA A 978 55.42 -0.51 20.85
CA ALA A 978 56.41 -1.55 20.62
C ALA A 978 57.61 -1.07 19.82
N ARG A 979 57.45 -0.07 18.97
CA ARG A 979 58.53 0.47 18.16
C ARG A 979 58.60 1.98 18.33
N PRO A 980 59.79 2.57 18.20
CA PRO A 980 59.86 4.03 18.10
C PRO A 980 59.18 4.52 16.84
N PHE A 981 58.50 5.65 16.95
CA PHE A 981 57.85 6.21 15.78
C PHE A 981 58.80 7.15 15.04
N PRO A 982 58.97 6.99 13.72
CA PRO A 982 59.93 7.83 13.00
C PRO A 982 59.44 9.27 12.91
N PRO A 983 60.32 10.24 13.15
CA PRO A 983 59.90 11.65 13.10
C PRO A 983 59.40 12.09 11.73
N TRP A 984 59.87 11.46 10.65
CA TRP A 984 59.44 11.88 9.32
C TRP A 984 57.94 11.64 9.13
N MET A 985 57.42 10.56 9.69
CA MET A 985 55.98 10.33 9.65
C MET A 985 55.23 11.37 10.47
N MET A 986 55.81 11.76 11.62
CA MET A 986 55.20 12.82 12.43
C MET A 986 55.07 14.11 11.63
N VAL A 987 56.11 14.46 10.89
CA VAL A 987 56.06 15.69 10.09
C VAL A 987 55.11 15.53 8.91
N ALA A 988 55.14 14.38 8.23
CA ALA A 988 54.42 14.18 6.99
C ALA A 988 52.96 13.77 7.19
N ALA A 989 52.51 13.59 8.43
CA ALA A 989 51.10 13.27 8.63
C ALA A 989 50.16 14.44 8.31
N ALA A 990 50.63 15.55 7.74
CA ALA A 990 49.76 16.70 7.48
C ALA A 990 48.80 16.44 6.33
N VAL A 991 49.25 15.70 5.30
CA VAL A 991 48.40 15.49 4.11
C VAL A 991 47.13 14.72 4.44
N PRO A 992 47.17 13.57 5.12
CA PRO A 992 45.90 12.93 5.52
C PRO A 992 45.06 13.81 6.41
N ALA A 993 45.69 14.61 7.27
CA ALA A 993 44.94 15.58 8.07
C ALA A 993 44.25 16.59 7.18
N LEU A 994 44.90 17.02 6.11
CA LEU A 994 44.27 17.94 5.17
C LEU A 994 43.07 17.30 4.49
N LEU A 995 43.19 16.04 4.08
CA LEU A 995 42.06 15.34 3.47
C LEU A 995 40.89 15.22 4.44
N VAL A 996 41.18 14.85 5.69
CA VAL A 996 40.13 14.74 6.70
C VAL A 996 39.47 16.09 6.95
N LEU A 997 40.27 17.15 7.00
CA LEU A 997 39.72 18.49 7.22
C LEU A 997 38.78 18.87 6.09
N ILE A 998 39.18 18.60 4.85
CA ILE A 998 38.32 18.94 3.71
C ILE A 998 37.01 18.15 3.77
N LEU A 999 37.10 16.85 4.06
CA LEU A 999 35.92 16.01 4.12
C LEU A 999 34.96 16.50 5.21
N ILE A 1000 35.48 16.70 6.42
CA ILE A 1000 34.64 17.11 7.55
C ILE A 1000 34.02 18.48 7.28
N PHE A 1001 34.82 19.42 6.77
CA PHE A 1001 34.30 20.75 6.46
C PHE A 1001 33.14 20.66 5.47
N MET A 1002 33.36 19.96 4.36
CA MET A 1002 32.31 19.89 3.34
C MET A 1002 31.04 19.28 3.91
N GLU A 1003 31.16 18.13 4.56
CA GLU A 1003 29.97 17.44 5.06
C GLU A 1003 29.22 18.28 6.08
N THR A 1004 29.94 18.76 7.11
CA THR A 1004 29.28 19.49 8.19
C THR A 1004 28.67 20.80 7.69
N GLN A 1005 29.40 21.56 6.87
CA GLN A 1005 28.88 22.85 6.44
C GLN A 1005 27.70 22.70 5.49
N ILE A 1006 27.73 21.71 4.60
CA ILE A 1006 26.60 21.53 3.70
C ILE A 1006 25.38 21.05 4.48
N THR A 1007 25.57 20.17 5.47
CA THR A 1007 24.45 19.75 6.30
C THR A 1007 23.86 20.91 7.08
N ALA A 1008 24.72 21.77 7.64
CA ALA A 1008 24.22 22.92 8.39
C ALA A 1008 23.51 23.91 7.48
N LEU A 1009 23.97 24.05 6.23
CA LEU A 1009 23.26 24.90 5.27
C LEU A 1009 21.88 24.34 4.96
N ILE A 1010 21.80 23.02 4.74
CA ILE A 1010 20.51 22.41 4.40
C ILE A 1010 19.53 22.54 5.56
N VAL A 1011 20.00 22.30 6.78
CA VAL A 1011 19.10 22.31 7.94
C VAL A 1011 18.56 23.72 8.20
N SER A 1012 19.40 24.73 8.03
CA SER A 1012 19.05 26.10 8.42
C SER A 1012 18.46 26.92 7.28
N GLN A 1013 17.74 26.29 6.36
CA GLN A 1013 17.09 27.03 5.28
C GLN A 1013 15.98 27.91 5.82
N LYS A 1014 15.64 28.96 5.07
CA LYS A 1014 14.66 29.93 5.53
C LYS A 1014 13.26 29.35 5.55
N ALA A 1015 12.97 28.37 4.70
CA ALA A 1015 11.63 27.81 4.63
C ALA A 1015 11.31 26.84 5.76
N ARG A 1016 12.28 26.48 6.58
CA ARG A 1016 12.08 25.53 7.66
C ARG A 1016 11.76 26.19 9.00
N ARG A 1017 11.69 27.52 9.04
CA ARG A 1017 11.31 28.27 10.23
C ARG A 1017 12.26 27.99 11.41
N LEU A 1018 13.53 28.36 11.20
CA LEU A 1018 14.54 28.32 12.24
C LEU A 1018 14.73 29.71 12.81
N LEU A 1019 14.56 29.86 14.12
CA LEU A 1019 14.48 31.17 14.74
C LEU A 1019 15.64 31.49 15.68
N LYS A 1020 16.00 30.56 16.57
CA LYS A 1020 16.92 30.88 17.65
C LYS A 1020 18.29 31.29 17.12
N GLY A 1021 18.72 30.75 15.99
CA GLY A 1021 19.99 31.12 15.42
C GLY A 1021 20.79 29.94 14.90
N SER A 1022 21.89 30.23 14.21
CA SER A 1022 22.74 29.22 13.60
C SER A 1022 24.20 29.53 13.90
N GLY A 1023 24.99 28.47 14.03
CA GLY A 1023 26.41 28.62 14.27
C GLY A 1023 27.26 27.92 13.24
N PHE A 1024 28.01 28.69 12.46
CA PHE A 1024 28.88 28.15 11.43
C PHE A 1024 30.34 28.10 11.85
N HIS A 1025 30.73 28.82 12.90
CA HIS A 1025 32.10 28.81 13.41
C HIS A 1025 32.27 27.96 14.64
N LEU A 1026 31.26 27.92 15.52
CA LEU A 1026 31.38 27.16 16.75
C LEU A 1026 31.26 25.66 16.50
N ASP A 1027 30.33 25.25 15.64
CA ASP A 1027 30.14 23.83 15.36
C ASP A 1027 31.37 23.22 14.71
N LEU A 1028 31.96 23.94 13.75
CA LEU A 1028 33.17 23.43 13.09
C LEU A 1028 34.31 23.27 14.08
N LEU A 1029 34.52 24.26 14.95
CA LEU A 1029 35.59 24.15 15.94
C LEU A 1029 35.34 22.98 16.88
N LEU A 1030 34.11 22.82 17.37
CA LEU A 1030 33.80 21.73 18.28
C LEU A 1030 34.08 20.38 17.62
N ILE A 1031 33.54 20.19 16.40
CA ILE A 1031 33.70 18.90 15.73
C ILE A 1031 35.16 18.61 15.45
N GLY A 1032 35.89 19.61 14.93
CA GLY A 1032 37.29 19.39 14.60
C GLY A 1032 38.13 19.08 15.82
N SER A 1033 37.95 19.86 16.89
CA SER A 1033 38.75 19.63 18.10
C SER A 1033 38.44 18.29 18.73
N LEU A 1034 37.16 17.93 18.83
CA LEU A 1034 36.80 16.65 19.44
C LEU A 1034 37.31 15.49 18.58
N GLY A 1035 37.19 15.58 17.26
CA GLY A 1035 37.72 14.54 16.41
C GLY A 1035 39.23 14.39 16.54
N GLY A 1036 39.95 15.51 16.57
CA GLY A 1036 41.39 15.45 16.73
C GLY A 1036 41.80 14.85 18.06
N LEU A 1037 41.09 15.19 19.13
CA LEU A 1037 41.42 14.64 20.44
C LEU A 1037 40.98 13.18 20.58
N CYS A 1038 40.04 12.73 19.74
CA CYS A 1038 39.64 11.32 19.77
C CYS A 1038 40.75 10.38 19.32
N GLY A 1039 41.75 10.90 18.60
CA GLY A 1039 42.82 10.04 18.11
C GLY A 1039 43.67 9.43 19.21
N LEU A 1040 43.81 10.12 20.35
CA LEU A 1040 44.66 9.62 21.42
C LEU A 1040 44.13 8.35 22.02
N PHE A 1041 42.81 8.16 22.03
CA PHE A 1041 42.18 6.99 22.63
C PHE A 1041 41.75 5.96 21.60
N GLY A 1042 42.21 6.08 20.36
CA GLY A 1042 41.89 5.10 19.33
C GLY A 1042 40.43 5.04 18.95
N LEU A 1043 39.75 6.19 18.87
CA LEU A 1043 38.36 6.22 18.46
C LEU A 1043 38.21 6.88 17.09
N PRO A 1044 37.23 6.46 16.31
CA PRO A 1044 37.07 7.02 14.97
C PRO A 1044 36.56 8.46 15.01
N TRP A 1045 36.84 9.18 13.92
CA TRP A 1045 36.33 10.54 13.75
C TRP A 1045 34.86 10.50 13.33
N LEU A 1046 34.16 11.58 13.65
CA LEU A 1046 32.73 11.67 13.37
C LEU A 1046 32.42 12.98 12.66
N THR A 1047 31.30 13.00 11.95
CA THR A 1047 30.82 14.18 11.25
C THR A 1047 29.32 14.20 11.29
N ALA A 1048 28.73 15.36 10.99
CA ALA A 1048 27.28 15.49 10.98
C ALA A 1048 26.69 14.64 9.86
N ALA A 1049 25.58 13.97 10.17
CA ALA A 1049 24.89 13.12 9.22
C ALA A 1049 23.72 13.88 8.61
N THR A 1050 23.61 13.83 7.28
CA THR A 1050 22.60 14.63 6.59
C THR A 1050 21.20 14.08 6.78
N VAL A 1051 21.00 12.80 6.46
CA VAL A 1051 19.66 12.21 6.55
C VAL A 1051 19.19 12.18 8.00
N ARG A 1052 20.07 11.82 8.93
CA ARG A 1052 19.69 11.77 10.33
C ARG A 1052 19.31 13.15 10.87
N SER A 1053 20.09 14.17 10.53
CA SER A 1053 19.77 15.52 10.98
C SER A 1053 18.47 16.03 10.37
N VAL A 1054 18.27 15.77 9.07
CA VAL A 1054 17.03 16.21 8.42
C VAL A 1054 15.83 15.51 9.04
N THR A 1055 15.96 14.21 9.32
CA THR A 1055 14.87 13.48 9.97
C THR A 1055 14.60 14.00 11.37
N HIS A 1056 15.66 14.33 12.12
CA HIS A 1056 15.48 14.88 13.46
C HIS A 1056 14.75 16.22 13.41
N VAL A 1057 15.09 17.06 12.42
CA VAL A 1057 14.40 18.34 12.28
C VAL A 1057 12.94 18.12 11.88
N ASN A 1058 12.69 17.18 10.98
CA ASN A 1058 11.32 16.92 10.52
C ASN A 1058 10.46 16.39 11.66
N ALA A 1059 11.03 15.56 12.54
CA ALA A 1059 10.25 14.98 13.63
C ALA A 1059 9.80 16.04 14.64
N LEU A 1060 10.45 17.20 14.69
CA LEU A 1060 10.12 18.24 15.66
C LEU A 1060 9.32 19.39 15.06
N THR A 1061 8.95 19.30 13.78
CA THR A 1061 8.19 20.36 13.14
C THR A 1061 6.73 20.29 13.54
N VAL A 1062 6.17 21.43 13.96
CA VAL A 1062 4.76 21.55 14.32
C VAL A 1062 4.07 22.34 13.23
N MET A 1063 3.06 21.73 12.62
CA MET A 1063 2.30 22.34 11.55
C MET A 1063 1.04 23.00 12.10
N ARG A 1064 0.46 23.89 11.29
CA ARG A 1064 -0.74 24.60 11.70
C ARG A 1064 -1.94 23.66 11.72
N THR A 1065 -2.66 23.65 12.83
CA THR A 1065 -3.84 22.79 12.94
C THR A 1065 -5.00 23.34 12.12
N ALA A 1066 -4.99 24.65 11.83
CA ALA A 1066 -6.04 25.27 11.01
C ALA A 1066 -5.70 25.08 9.54
N ILE A 1067 -5.80 23.83 9.09
CA ILE A 1067 -5.50 23.48 7.71
C ILE A 1067 -6.62 24.01 6.81
N ALA A 1068 -6.25 24.79 5.81
CA ALA A 1068 -7.23 25.29 4.85
C ALA A 1068 -7.81 24.12 4.06
N PRO A 1069 -9.14 24.07 3.87
CA PRO A 1069 -9.74 22.93 3.15
C PRO A 1069 -9.14 22.71 1.78
N GLY A 1070 -8.63 21.49 1.55
CA GLY A 1070 -8.03 21.17 0.26
C GLY A 1070 -6.76 21.95 -0.03
N ASP A 1071 -5.94 22.20 0.98
CA ASP A 1071 -4.70 22.94 0.82
C ASP A 1071 -3.57 22.25 1.57
N LYS A 1072 -2.37 22.32 1.02
CA LYS A 1072 -1.21 21.74 1.68
C LYS A 1072 -0.90 22.54 2.94
N PRO A 1073 -0.69 21.87 4.09
CA PRO A 1073 -0.42 22.61 5.33
C PRO A 1073 0.94 23.29 5.28
N GLN A 1074 1.06 24.36 6.06
CA GLN A 1074 2.27 25.15 6.15
C GLN A 1074 2.84 25.06 7.55
N ILE A 1075 4.18 25.09 7.64
CA ILE A 1075 4.86 24.90 8.92
C ILE A 1075 4.53 26.04 9.86
N GLN A 1076 4.16 25.70 11.09
CA GLN A 1076 3.92 26.70 12.12
C GLN A 1076 5.19 27.03 12.89
N GLU A 1077 5.90 26.02 13.37
CA GLU A 1077 7.09 26.25 14.17
C GLU A 1077 7.95 24.99 14.19
N VAL A 1078 9.16 25.13 14.73
CA VAL A 1078 10.06 24.01 15.01
C VAL A 1078 10.52 24.14 16.45
N ARG A 1079 10.48 23.04 17.19
CA ARG A 1079 10.84 23.06 18.61
C ARG A 1079 12.36 22.99 18.74
N GLU A 1080 12.97 24.10 19.15
CA GLU A 1080 14.41 24.18 19.32
C GLU A 1080 14.77 23.89 20.77
N GLN A 1081 15.55 22.84 20.99
CA GLN A 1081 15.91 22.42 22.34
C GLN A 1081 17.14 21.53 22.26
N ARG A 1082 17.76 21.32 23.43
CA ARG A 1082 18.97 20.51 23.55
C ARG A 1082 18.73 19.15 24.20
N VAL A 1083 17.57 18.92 24.78
CA VAL A 1083 17.36 17.71 25.58
C VAL A 1083 17.32 16.47 24.69
N THR A 1084 16.69 16.57 23.52
CA THR A 1084 16.51 15.39 22.68
C THR A 1084 17.84 14.81 22.22
N GLY A 1085 18.77 15.67 21.79
CA GLY A 1085 20.06 15.18 21.33
C GLY A 1085 20.86 14.52 22.44
N VAL A 1086 20.86 15.14 23.62
CA VAL A 1086 21.55 14.55 24.77
C VAL A 1086 20.94 13.20 25.12
N LEU A 1087 19.61 13.11 25.11
CA LEU A 1087 18.95 11.85 25.43
C LEU A 1087 19.29 10.78 24.39
N ILE A 1088 19.30 11.13 23.12
CA ILE A 1088 19.61 10.16 22.07
C ILE A 1088 21.04 9.65 22.22
N ALA A 1089 21.99 10.57 22.44
CA ALA A 1089 23.38 10.16 22.62
C ALA A 1089 23.55 9.28 23.86
N SER A 1090 22.89 9.65 24.96
CA SER A 1090 22.97 8.85 26.17
C SER A 1090 22.39 7.46 25.96
N LEU A 1091 21.27 7.35 25.25
CA LEU A 1091 20.68 6.04 24.97
C LEU A 1091 21.60 5.21 24.08
N VAL A 1092 22.22 5.83 23.08
CA VAL A 1092 23.15 5.10 22.22
C VAL A 1092 24.32 4.57 23.04
N GLY A 1093 24.85 5.40 23.95
CA GLY A 1093 25.93 4.95 24.81
C GLY A 1093 25.50 3.86 25.78
N LEU A 1094 24.27 3.94 26.28
CA LEU A 1094 23.76 3.02 27.28
C LEU A 1094 23.24 1.72 26.70
N SER A 1095 23.11 1.63 25.38
CA SER A 1095 22.57 0.43 24.75
C SER A 1095 23.43 -0.81 24.99
N ILE A 1096 24.68 -0.66 25.44
CA ILE A 1096 25.53 -1.82 25.68
C ILE A 1096 25.02 -2.69 26.83
N VAL A 1097 24.20 -2.14 27.73
CA VAL A 1097 23.64 -2.90 28.83
C VAL A 1097 22.18 -3.27 28.63
N MET A 1098 21.55 -2.81 27.54
CA MET A 1098 20.17 -3.16 27.21
C MET A 1098 20.07 -4.23 26.14
N GLY A 1099 21.01 -5.18 26.11
CA GLY A 1099 21.00 -6.20 25.08
C GLY A 1099 19.79 -7.10 25.12
N ALA A 1100 19.26 -7.36 26.32
CA ALA A 1100 18.11 -8.25 26.46
C ALA A 1100 16.89 -7.68 25.74
N VAL A 1101 16.66 -6.37 25.86
CA VAL A 1101 15.54 -5.74 25.19
C VAL A 1101 15.78 -5.69 23.68
N LEU A 1102 17.03 -5.42 23.27
CA LEU A 1102 17.32 -5.22 21.86
C LEU A 1102 17.35 -6.52 21.07
N ARG A 1103 17.61 -7.66 21.72
CA ARG A 1103 17.67 -8.92 20.98
C ARG A 1103 16.28 -9.42 20.55
N ARG A 1104 15.21 -8.70 20.86
CA ARG A 1104 13.86 -9.07 20.46
C ARG A 1104 13.36 -8.31 19.23
N ILE A 1105 14.21 -7.51 18.60
CA ILE A 1105 13.82 -6.64 17.49
C ILE A 1105 14.47 -7.17 16.22
N PRO A 1106 13.70 -7.58 15.22
CA PRO A 1106 14.30 -8.02 13.95
C PRO A 1106 14.78 -6.84 13.12
N LEU A 1107 15.61 -7.14 12.12
CA LEU A 1107 16.21 -6.12 11.28
C LEU A 1107 15.28 -5.65 10.16
N ALA A 1108 14.24 -6.40 9.82
CA ALA A 1108 13.36 -6.01 8.72
C ALA A 1108 12.53 -4.79 9.08
N VAL A 1109 12.14 -4.67 10.34
CA VAL A 1109 11.44 -3.47 10.79
C VAL A 1109 12.33 -2.25 10.62
N LEU A 1110 13.61 -2.39 10.97
CA LEU A 1110 14.55 -1.29 10.75
C LEU A 1110 14.75 -1.01 9.27
N PHE A 1111 14.69 -2.05 8.43
CA PHE A 1111 14.75 -1.82 6.99
C PHE A 1111 13.59 -0.95 6.52
N GLY A 1112 12.38 -1.27 6.99
CA GLY A 1112 11.22 -0.47 6.63
C GLY A 1112 11.32 0.96 7.14
N ILE A 1113 11.84 1.13 8.35
CA ILE A 1113 12.04 2.47 8.90
C ILE A 1113 13.03 3.27 8.07
N PHE A 1114 14.12 2.63 7.65
CA PHE A 1114 15.11 3.31 6.81
C PHE A 1114 14.52 3.68 5.46
N LEU A 1115 13.69 2.79 4.89
CA LEU A 1115 13.04 3.11 3.63
C LEU A 1115 12.12 4.32 3.77
N TYR A 1116 11.35 4.38 4.86
CA TYR A 1116 10.49 5.53 5.11
C TYR A 1116 11.31 6.80 5.26
N MET A 1117 12.43 6.73 6.00
CA MET A 1117 13.28 7.90 6.19
C MET A 1117 13.84 8.40 4.86
N GLY A 1118 14.35 7.48 4.04
CA GLY A 1118 14.92 7.87 2.77
C GLY A 1118 13.88 8.43 1.81
N VAL A 1119 12.66 7.87 1.83
CA VAL A 1119 11.61 8.39 0.97
C VAL A 1119 11.19 9.79 1.40
N THR A 1120 11.00 10.00 2.71
CA THR A 1120 10.56 11.30 3.18
C THR A 1120 11.67 12.35 3.13
N SER A 1121 12.93 11.93 3.00
CA SER A 1121 14.01 12.90 2.87
C SER A 1121 14.08 13.52 1.48
N LEU A 1122 13.49 12.88 0.47
CA LEU A 1122 13.55 13.36 -0.90
C LEU A 1122 12.43 14.31 -1.27
N SER A 1123 11.47 14.54 -0.37
CA SER A 1123 10.34 15.41 -0.67
C SER A 1123 10.61 16.88 -0.35
N GLY A 1124 11.73 17.20 0.28
CA GLY A 1124 12.09 18.57 0.60
C GLY A 1124 13.10 19.19 -0.35
N ILE A 1125 13.30 18.62 -1.53
CA ILE A 1125 14.30 19.08 -2.48
C ILE A 1125 13.59 19.60 -3.72
N GLN A 1126 13.98 20.79 -4.17
CA GLN A 1126 13.38 21.38 -5.37
C GLN A 1126 13.67 20.55 -6.61
N LEU A 1127 14.81 19.85 -6.63
CA LEU A 1127 15.14 19.00 -7.75
C LEU A 1127 14.11 17.90 -7.95
N SER A 1128 13.52 17.40 -6.85
CA SER A 1128 12.48 16.38 -6.98
C SER A 1128 11.26 16.91 -7.71
N GLN A 1129 10.80 18.11 -7.34
CA GLN A 1129 9.65 18.71 -8.02
C GLN A 1129 9.96 19.01 -9.48
N ARG A 1130 11.14 19.59 -9.74
CA ARG A 1130 11.54 19.89 -11.12
C ARG A 1130 11.76 18.62 -11.94
N LEU A 1131 11.99 17.49 -11.28
CA LEU A 1131 12.14 16.22 -11.99
C LEU A 1131 10.78 15.57 -12.25
N LEU A 1132 9.84 15.75 -11.33
CA LEU A 1132 8.47 15.30 -11.58
C LEU A 1132 7.81 16.11 -12.68
N LEU A 1133 8.19 17.38 -12.83
CA LEU A 1133 7.59 18.22 -13.87
C LEU A 1133 7.96 17.79 -15.28
N ILE A 1134 8.93 16.88 -15.44
CA ILE A 1134 9.28 16.39 -16.77
C ILE A 1134 8.14 15.54 -17.34
N LEU A 1135 7.54 14.69 -16.51
CA LEU A 1135 6.50 13.78 -17.00
C LEU A 1135 5.19 14.54 -17.26
N MET A 1136 4.91 15.56 -16.46
CA MET A 1136 3.65 16.27 -16.59
C MET A 1136 3.63 17.09 -17.87
N PRO A 1137 2.47 17.29 -18.49
CA PRO A 1137 2.39 18.16 -19.66
C PRO A 1137 2.66 19.60 -19.29
N ALA A 1138 3.08 20.39 -20.29
CA ALA A 1138 3.54 21.75 -20.07
C ALA A 1138 2.44 22.70 -19.59
N LYS A 1139 1.17 22.31 -19.67
CA LYS A 1139 0.08 23.20 -19.27
C LYS A 1139 -0.43 22.95 -17.87
N HIS A 1140 0.10 21.96 -17.17
CA HIS A 1140 -0.30 21.66 -15.80
C HIS A 1140 0.75 22.09 -14.77
N HIS A 1141 1.80 22.78 -15.20
CA HIS A 1141 2.87 23.14 -14.29
C HIS A 1141 2.40 24.19 -13.29
N PRO A 1142 2.91 24.14 -12.06
CA PRO A 1142 2.47 25.10 -11.04
C PRO A 1142 2.97 26.52 -11.29
N GLU A 1143 2.72 27.42 -10.35
CA GLU A 1143 3.05 28.84 -10.49
C GLU A 1143 4.39 29.19 -9.85
N GLN A 1144 5.34 28.27 -9.85
CA GLN A 1144 6.65 28.53 -9.26
C GLN A 1144 7.42 29.54 -10.11
N PRO A 1145 8.34 30.30 -9.49
CA PRO A 1145 9.07 31.32 -10.26
C PRO A 1145 9.95 30.78 -11.37
N TYR A 1146 10.35 29.51 -11.32
CA TYR A 1146 11.14 28.92 -12.38
C TYR A 1146 10.29 28.37 -13.52
N VAL A 1147 8.97 28.51 -13.43
CA VAL A 1147 8.07 28.11 -14.50
C VAL A 1147 7.60 29.31 -15.31
N THR A 1148 7.26 30.40 -14.64
CA THR A 1148 6.74 31.58 -15.34
C THR A 1148 7.83 32.33 -16.08
N LYS A 1149 8.99 32.52 -15.45
CA LYS A 1149 10.05 33.35 -16.00
C LYS A 1149 11.04 32.58 -16.87
N VAL A 1150 10.93 31.26 -16.95
CA VAL A 1150 11.86 30.43 -17.69
C VAL A 1150 11.09 29.60 -18.70
N LYS A 1151 11.63 29.50 -19.92
CA LYS A 1151 11.01 28.66 -20.94
C LYS A 1151 11.08 27.20 -20.50
N THR A 1152 10.14 26.40 -21.02
CA THR A 1152 10.03 25.01 -20.58
C THR A 1152 11.26 24.20 -20.94
N TRP A 1153 11.81 24.42 -22.13
CA TRP A 1153 12.97 23.65 -22.56
C TRP A 1153 14.29 24.17 -21.99
N ARG A 1154 14.30 25.39 -21.45
CA ARG A 1154 15.47 25.92 -20.77
C ARG A 1154 15.50 25.57 -19.30
N MET A 1155 14.41 25.02 -18.76
CA MET A 1155 14.36 24.54 -17.39
C MET A 1155 14.70 23.05 -17.28
N HIS A 1156 14.43 22.28 -18.34
CA HIS A 1156 14.82 20.88 -18.38
C HIS A 1156 16.31 20.69 -18.60
N LEU A 1157 16.97 21.66 -19.23
CA LEU A 1157 18.42 21.57 -19.42
C LEU A 1157 19.17 21.72 -18.10
N PHE A 1158 18.68 22.60 -17.22
CA PHE A 1158 19.26 22.73 -15.88
C PHE A 1158 19.17 21.41 -15.12
N THR A 1159 18.00 20.77 -15.15
CA THR A 1159 17.83 19.48 -14.49
C THR A 1159 18.73 18.42 -15.14
N CYS A 1160 18.89 18.48 -16.47
CA CYS A 1160 19.76 17.53 -17.13
C CYS A 1160 21.20 17.67 -16.68
N ILE A 1161 21.69 18.91 -16.55
CA ILE A 1161 23.05 19.13 -16.08
C ILE A 1161 23.20 18.63 -14.64
N GLN A 1162 22.22 18.93 -13.79
CA GLN A 1162 22.29 18.45 -12.41
C GLN A 1162 22.31 16.93 -12.33
N LEU A 1163 21.49 16.26 -13.14
CA LEU A 1163 21.46 14.81 -13.14
C LEU A 1163 22.76 14.23 -13.68
N GLY A 1164 23.35 14.87 -14.70
CA GLY A 1164 24.65 14.42 -15.17
C GLY A 1164 25.72 14.53 -14.10
N CYS A 1165 25.72 15.62 -13.35
CA CYS A 1165 26.67 15.77 -12.25
C CYS A 1165 26.46 14.69 -11.19
N ILE A 1166 25.19 14.41 -10.85
CA ILE A 1166 24.90 13.39 -9.85
C ILE A 1166 25.39 12.03 -10.32
N ALA A 1167 25.13 11.68 -11.58
CA ALA A 1167 25.56 10.40 -12.10
C ALA A 1167 27.08 10.28 -12.13
N LEU A 1168 27.77 11.35 -12.53
CA LEU A 1168 29.23 11.33 -12.55
C LEU A 1168 29.77 11.14 -11.14
N LEU A 1169 29.19 11.82 -10.15
CA LEU A 1169 29.65 11.67 -8.76
C LEU A 1169 29.42 10.25 -8.25
N TRP A 1170 28.25 9.66 -8.56
CA TRP A 1170 28.00 8.29 -8.14
C TRP A 1170 28.98 7.32 -8.79
N VAL A 1171 29.25 7.51 -10.08
CA VAL A 1171 30.20 6.63 -10.77
C VAL A 1171 31.58 6.75 -10.15
N VAL A 1172 32.01 7.97 -9.84
CA VAL A 1172 33.32 8.17 -9.21
C VAL A 1172 33.35 7.50 -7.84
N LYS A 1173 32.25 7.59 -7.08
CA LYS A 1173 32.20 6.95 -5.77
C LYS A 1173 32.31 5.44 -5.89
N SER A 1174 31.68 4.85 -6.90
CA SER A 1174 31.66 3.39 -7.00
C SER A 1174 33.01 2.78 -7.36
N THR A 1175 33.86 3.52 -8.07
CA THR A 1175 35.13 2.98 -8.55
C THR A 1175 36.22 3.18 -7.49
N ALA A 1176 37.48 2.93 -7.89
CA ALA A 1176 38.60 2.96 -6.97
C ALA A 1176 39.13 4.37 -6.72
N ALA A 1177 38.58 5.39 -7.39
CA ALA A 1177 38.96 6.77 -7.17
C ALA A 1177 37.99 7.49 -6.24
N SER A 1178 37.32 6.75 -5.36
CA SER A 1178 36.33 7.35 -4.47
C SER A 1178 36.96 8.32 -3.47
N LEU A 1179 38.25 8.18 -3.19
CA LEU A 1179 38.91 9.08 -2.25
C LEU A 1179 38.94 10.52 -2.75
N ALA A 1180 38.70 10.74 -4.04
CA ALA A 1180 38.63 12.07 -4.61
C ALA A 1180 37.20 12.61 -4.69
N PHE A 1181 36.24 11.89 -4.11
CA PHE A 1181 34.85 12.37 -4.16
C PHE A 1181 34.65 13.71 -3.46
N PRO A 1182 35.18 13.96 -2.25
CA PRO A 1182 34.98 15.29 -1.65
C PRO A 1182 35.55 16.43 -2.48
N PHE A 1183 36.63 16.19 -3.23
CA PHE A 1183 37.18 17.23 -4.09
C PHE A 1183 36.27 17.52 -5.26
N LEU A 1184 35.78 16.48 -5.93
CA LEU A 1184 34.99 16.65 -7.15
C LEU A 1184 33.70 17.42 -6.87
N LEU A 1185 33.06 17.13 -5.74
CA LEU A 1185 31.88 17.91 -5.35
C LEU A 1185 32.24 19.38 -5.17
N LEU A 1186 33.39 19.66 -4.56
CA LEU A 1186 33.85 21.03 -4.39
C LEU A 1186 34.12 21.70 -5.73
N LEU A 1187 34.22 20.93 -6.81
CA LEU A 1187 34.42 21.48 -8.14
C LEU A 1187 33.12 21.93 -8.78
N THR A 1188 31.96 21.71 -8.13
CA THR A 1188 30.71 22.21 -8.67
C THR A 1188 30.43 23.66 -8.26
N VAL A 1189 31.27 24.24 -7.41
CA VAL A 1189 31.09 25.63 -7.01
C VAL A 1189 31.63 26.56 -8.09
N PRO A 1190 32.85 26.35 -8.64
CA PRO A 1190 33.24 27.16 -9.80
C PRO A 1190 32.30 27.00 -10.99
N LEU A 1191 31.78 25.78 -11.20
CA LEU A 1191 30.95 25.52 -12.37
C LEU A 1191 29.72 26.43 -12.39
N ARG A 1192 29.12 26.66 -11.23
CA ARG A 1192 27.96 27.54 -11.16
C ARG A 1192 28.37 29.01 -11.27
N HIS A 1193 29.60 29.35 -10.87
CA HIS A 1193 30.02 30.74 -10.82
C HIS A 1193 30.94 31.14 -11.98
N CYS A 1194 31.29 30.21 -12.85
CA CYS A 1194 32.16 30.55 -13.97
C CYS A 1194 31.62 30.13 -15.33
N LEU A 1195 30.91 29.01 -15.40
CA LEU A 1195 30.42 28.48 -16.67
C LEU A 1195 28.93 28.63 -16.87
N LEU A 1196 28.13 28.42 -15.83
CA LEU A 1196 26.68 28.62 -15.97
C LEU A 1196 26.29 30.02 -16.40
N PRO A 1197 26.90 31.11 -15.90
CA PRO A 1197 26.55 32.43 -16.44
C PRO A 1197 26.83 32.59 -17.93
N ARG A 1198 27.72 31.79 -18.50
CA ARG A 1198 27.98 31.85 -19.93
C ARG A 1198 26.87 31.24 -20.77
N LEU A 1199 26.05 30.35 -20.19
CA LEU A 1199 24.93 29.75 -20.88
C LEU A 1199 23.60 30.42 -20.53
N PHE A 1200 23.25 30.45 -19.25
CA PHE A 1200 21.99 31.03 -18.80
C PHE A 1200 22.15 32.53 -18.58
N GLN A 1201 21.02 33.23 -18.64
CA GLN A 1201 20.99 34.66 -18.34
C GLN A 1201 20.82 34.87 -16.85
N ASP A 1202 21.13 36.09 -16.41
CA ASP A 1202 21.09 36.40 -14.98
C ASP A 1202 19.68 36.28 -14.42
N ARG A 1203 18.68 36.73 -15.16
CA ARG A 1203 17.31 36.65 -14.67
C ARG A 1203 16.80 35.21 -14.63
N GLU A 1204 17.31 34.34 -15.52
CA GLU A 1204 16.95 32.94 -15.44
C GLU A 1204 17.69 32.25 -14.29
N LEU A 1205 18.97 32.58 -14.09
CA LEU A 1205 19.74 31.96 -13.02
C LEU A 1205 19.22 32.37 -11.65
N GLN A 1206 18.77 33.62 -11.50
CA GLN A 1206 18.26 34.11 -10.23
C GLN A 1206 17.00 33.39 -9.78
N ALA A 1207 16.14 32.97 -10.70
CA ALA A 1207 14.93 32.22 -10.36
C ALA A 1207 15.13 30.72 -10.36
N LEU A 1208 16.00 30.18 -11.22
CA LEU A 1208 16.24 28.74 -11.25
C LEU A 1208 17.06 28.28 -10.05
N ASP A 1209 18.01 29.10 -9.60
CA ASP A 1209 18.95 28.76 -8.54
C ASP A 1209 18.76 29.80 -7.43
N SER A 1210 17.93 29.48 -6.46
CA SER A 1210 17.68 30.38 -5.33
C SER A 1210 17.14 29.61 -4.14
N ASP B 673 -43.34 5.89 -16.25
CA ASP B 673 -42.62 4.93 -15.43
C ASP B 673 -43.03 3.49 -15.75
N PRO B 674 -42.07 2.57 -15.70
CA PRO B 674 -42.38 1.17 -16.00
C PRO B 674 -43.10 0.42 -14.89
N LEU B 675 -43.23 1.01 -13.70
CA LEU B 675 -43.80 0.31 -12.56
C LEU B 675 -45.29 0.57 -12.38
N LEU B 676 -45.93 1.30 -13.31
CA LEU B 676 -47.37 1.50 -13.24
C LEU B 676 -48.10 0.29 -13.81
N ARG B 677 -49.31 0.08 -13.32
CA ARG B 677 -50.15 -1.02 -13.78
C ARG B 677 -51.07 -0.54 -14.89
N THR B 678 -51.08 -1.26 -16.01
CA THR B 678 -51.86 -0.86 -17.18
C THR B 678 -53.28 -1.42 -17.19
N GLY B 679 -53.46 -2.64 -16.70
CA GLY B 679 -54.77 -3.25 -16.65
C GLY B 679 -55.10 -4.22 -17.76
N SER B 680 -54.14 -4.57 -18.62
CA SER B 680 -54.34 -5.53 -19.68
C SER B 680 -53.29 -6.62 -19.59
N VAL B 681 -53.65 -7.83 -20.02
CA VAL B 681 -52.78 -8.98 -19.86
C VAL B 681 -51.50 -8.77 -20.65
N PHE B 682 -50.37 -9.05 -20.01
CA PHE B 682 -49.04 -8.92 -20.59
C PHE B 682 -48.73 -7.49 -21.02
N GLY B 683 -49.33 -6.50 -20.37
CA GLY B 683 -49.10 -5.11 -20.75
C GLY B 683 -47.67 -4.65 -20.49
N GLY B 684 -47.12 -5.00 -19.33
CA GLY B 684 -45.76 -4.58 -19.01
C GLY B 684 -44.73 -5.17 -19.94
N LEU B 685 -44.91 -6.44 -20.34
CA LEU B 685 -44.00 -7.07 -21.27
C LEU B 685 -44.01 -6.37 -22.62
N VAL B 686 -45.21 -6.06 -23.13
CA VAL B 686 -45.32 -5.38 -24.41
C VAL B 686 -44.68 -4.00 -24.33
N ARG B 687 -44.93 -3.27 -23.23
CA ARG B 687 -44.33 -1.95 -23.07
C ARG B 687 -42.81 -2.03 -23.02
N ASP B 688 -42.27 -3.01 -22.30
CA ASP B 688 -40.82 -3.16 -22.22
C ASP B 688 -40.23 -3.47 -23.59
N VAL B 689 -40.87 -4.38 -24.34
CA VAL B 689 -40.36 -4.73 -25.66
C VAL B 689 -40.39 -3.52 -26.58
N ARG B 690 -41.51 -2.80 -26.61
CA ARG B 690 -41.62 -1.63 -27.48
C ARG B 690 -40.65 -0.53 -27.07
N ARG B 691 -40.34 -0.42 -25.78
CA ARG B 691 -39.40 0.61 -25.34
C ARG B 691 -37.96 0.26 -25.68
N ARG B 692 -37.57 -1.01 -25.53
CA ARG B 692 -36.16 -1.36 -25.65
C ARG B 692 -35.74 -1.84 -27.02
N TYR B 693 -36.55 -2.64 -27.70
CA TYR B 693 -36.12 -3.27 -28.94
C TYR B 693 -35.69 -2.31 -30.06
N PRO B 694 -36.35 -1.16 -30.27
CA PRO B 694 -35.90 -0.28 -31.36
C PRO B 694 -34.46 0.20 -31.23
N HIS B 695 -33.88 0.17 -30.04
CA HIS B 695 -32.49 0.59 -29.84
C HIS B 695 -31.48 -0.50 -30.19
N TYR B 696 -31.89 -1.55 -30.91
CA TYR B 696 -31.00 -2.69 -31.14
C TYR B 696 -29.77 -2.34 -31.96
N PRO B 697 -29.86 -1.65 -33.11
CA PRO B 697 -28.63 -1.30 -33.84
C PRO B 697 -27.67 -0.44 -33.03
N SER B 698 -28.19 0.47 -32.21
CA SER B 698 -27.33 1.23 -31.32
C SER B 698 -26.65 0.33 -30.31
N ASP B 699 -27.38 -0.67 -29.80
CA ASP B 699 -26.79 -1.64 -28.87
C ASP B 699 -25.65 -2.40 -29.53
N LEU B 700 -25.81 -2.77 -30.80
CA LEU B 700 -24.73 -3.47 -31.50
C LEU B 700 -23.55 -2.55 -31.79
N ARG B 701 -23.83 -1.29 -32.13
CA ARG B 701 -22.78 -0.38 -32.56
C ARG B 701 -22.00 0.25 -31.41
N ASP B 702 -22.57 0.31 -30.21
CA ASP B 702 -21.89 0.98 -29.10
C ASP B 702 -20.71 0.19 -28.54
N ALA B 703 -20.44 -1.02 -29.05
CA ALA B 703 -19.41 -1.88 -28.49
C ALA B 703 -18.05 -1.72 -29.17
N LEU B 704 -17.91 -0.80 -30.12
CA LEU B 704 -16.65 -0.60 -30.84
C LEU B 704 -15.81 0.42 -30.06
N HIS B 705 -15.07 -0.08 -29.08
CA HIS B 705 -14.23 0.76 -28.24
C HIS B 705 -13.22 -0.13 -27.54
N SER B 706 -12.18 0.49 -26.99
CA SER B 706 -11.14 -0.26 -26.29
C SER B 706 -11.54 -0.59 -24.87
N GLN B 707 -12.47 0.17 -24.29
CA GLN B 707 -12.92 -0.10 -22.92
C GLN B 707 -13.70 -1.40 -22.84
N CYS B 708 -14.40 -1.77 -23.91
CA CYS B 708 -15.19 -2.99 -23.91
C CYS B 708 -14.29 -4.23 -23.82
N VAL B 709 -13.13 -4.19 -24.48
CA VAL B 709 -12.21 -5.32 -24.40
C VAL B 709 -11.70 -5.52 -22.97
N ALA B 710 -11.35 -4.42 -22.30
CA ALA B 710 -10.92 -4.51 -20.91
C ALA B 710 -12.04 -5.03 -20.02
N ALA B 711 -13.28 -4.57 -20.26
CA ALA B 711 -14.41 -5.06 -19.50
C ALA B 711 -14.60 -6.56 -19.69
N VAL B 712 -14.48 -7.04 -20.93
CA VAL B 712 -14.61 -8.47 -21.20
C VAL B 712 -13.52 -9.24 -20.46
N LEU B 713 -12.28 -8.77 -20.55
CA LEU B 713 -11.17 -9.48 -19.91
C LEU B 713 -11.33 -9.54 -18.41
N PHE B 714 -11.82 -8.45 -17.79
CA PHE B 714 -12.00 -8.42 -16.35
C PHE B 714 -13.16 -9.33 -15.92
N ILE B 715 -14.31 -9.21 -16.59
CA ILE B 715 -15.49 -9.91 -16.12
C ILE B 715 -15.41 -11.40 -16.44
N TYR B 716 -14.64 -11.80 -17.45
CA TYR B 716 -14.47 -13.23 -17.70
C TYR B 716 -13.83 -13.92 -16.51
N PHE B 717 -12.75 -13.35 -15.98
CA PHE B 717 -12.14 -13.88 -14.77
C PHE B 717 -13.05 -13.72 -13.57
N ALA B 718 -13.78 -12.60 -13.49
CA ALA B 718 -14.68 -12.39 -12.36
C ALA B 718 -15.80 -13.44 -12.33
N ALA B 719 -16.18 -13.99 -13.48
CA ALA B 719 -17.30 -14.91 -13.55
C ALA B 719 -16.91 -16.38 -13.64
N LEU B 720 -15.70 -16.70 -14.12
CA LEU B 720 -15.35 -18.10 -14.32
C LEU B 720 -15.14 -18.82 -12.99
N SER B 721 -14.38 -18.23 -12.08
CA SER B 721 -13.96 -18.88 -10.85
C SER B 721 -15.10 -19.24 -9.89
N PRO B 722 -16.09 -18.37 -9.66
CA PRO B 722 -17.22 -18.80 -8.82
C PRO B 722 -17.94 -20.02 -9.37
N ALA B 723 -17.99 -20.16 -10.69
CA ALA B 723 -18.59 -21.36 -11.28
C ALA B 723 -17.83 -22.61 -10.86
N ILE B 724 -16.49 -22.56 -10.89
CA ILE B 724 -15.69 -23.71 -10.49
C ILE B 724 -15.88 -24.02 -9.01
N THR B 725 -15.83 -22.99 -8.17
CA THR B 725 -15.98 -23.21 -6.73
C THR B 725 -17.33 -23.80 -6.38
N PHE B 726 -18.41 -23.21 -6.92
CA PHE B 726 -19.75 -23.71 -6.63
C PHE B 726 -19.99 -25.07 -7.27
N GLY B 727 -19.34 -25.36 -8.41
CA GLY B 727 -19.44 -26.69 -8.96
C GLY B 727 -18.80 -27.74 -8.09
N GLY B 728 -17.63 -27.42 -7.52
CA GLY B 728 -17.02 -28.34 -6.58
C GLY B 728 -17.89 -28.57 -5.35
N LEU B 729 -18.42 -27.49 -4.78
CA LEU B 729 -19.30 -27.63 -3.62
C LEU B 729 -20.56 -28.43 -3.96
N LEU B 730 -21.16 -28.16 -5.13
CA LEU B 730 -22.37 -28.86 -5.54
C LEU B 730 -22.11 -30.34 -5.77
N GLY B 731 -20.95 -30.67 -6.37
CA GLY B 731 -20.59 -32.07 -6.52
C GLY B 731 -20.38 -32.75 -5.18
N GLU B 732 -19.80 -32.04 -4.22
CA GLU B 732 -19.66 -32.60 -2.88
C GLU B 732 -21.01 -32.86 -2.24
N LYS B 733 -21.95 -31.92 -2.38
CA LYS B 733 -23.23 -32.05 -1.67
C LYS B 733 -24.12 -33.13 -2.27
N THR B 734 -24.22 -33.17 -3.61
CA THR B 734 -25.20 -34.01 -4.28
C THR B 734 -24.64 -35.35 -4.73
N GLU B 735 -23.49 -35.77 -4.19
CA GLU B 735 -22.91 -37.07 -4.48
C GLU B 735 -22.63 -37.24 -5.98
N GLY B 736 -22.19 -36.17 -6.63
CA GLY B 736 -21.73 -36.24 -8.00
C GLY B 736 -22.81 -36.22 -9.06
N LEU B 737 -24.06 -35.94 -8.70
CA LEU B 737 -25.11 -35.86 -9.72
C LEU B 737 -25.03 -34.56 -10.51
N MET B 738 -24.55 -33.47 -9.89
CA MET B 738 -24.33 -32.21 -10.57
C MET B 738 -22.96 -31.67 -10.16
N GLY B 739 -22.21 -31.17 -11.13
CA GLY B 739 -20.84 -30.76 -10.87
C GLY B 739 -20.44 -29.45 -11.51
N VAL B 740 -19.28 -29.45 -12.17
CA VAL B 740 -18.73 -28.22 -12.75
C VAL B 740 -19.15 -28.05 -14.21
N SER B 741 -19.15 -29.14 -14.97
CA SER B 741 -19.52 -29.06 -16.39
C SER B 741 -20.97 -28.61 -16.55
N GLU B 742 -21.88 -29.12 -15.71
CA GLU B 742 -23.27 -28.71 -15.77
C GLU B 742 -23.41 -27.22 -15.49
N LEU B 743 -22.73 -26.73 -14.47
CA LEU B 743 -22.80 -25.31 -14.13
C LEU B 743 -22.23 -24.45 -15.25
N ILE B 744 -21.13 -24.89 -15.86
CA ILE B 744 -20.53 -24.12 -16.95
C ILE B 744 -21.47 -24.05 -18.14
N VAL B 745 -22.07 -25.19 -18.51
CA VAL B 745 -22.98 -25.21 -19.65
C VAL B 745 -24.18 -24.33 -19.38
N SER B 746 -24.77 -24.44 -18.19
CA SER B 746 -25.93 -23.62 -17.84
C SER B 746 -25.58 -22.14 -17.89
N THR B 747 -24.44 -21.76 -17.30
CA THR B 747 -24.03 -20.36 -17.30
C THR B 747 -23.87 -19.84 -18.72
N ALA B 748 -23.16 -20.59 -19.56
CA ALA B 748 -22.92 -20.14 -20.93
C ALA B 748 -24.23 -19.96 -21.69
N VAL B 749 -25.08 -20.99 -21.70
CA VAL B 749 -26.30 -20.94 -22.50
C VAL B 749 -27.22 -19.84 -22.00
N LEU B 750 -27.45 -19.79 -20.69
CA LEU B 750 -28.38 -18.80 -20.15
C LEU B 750 -27.85 -17.39 -20.32
N GLY B 751 -26.54 -17.18 -20.13
CA GLY B 751 -25.99 -15.86 -20.36
C GLY B 751 -26.11 -15.39 -21.79
N VAL B 752 -25.81 -16.28 -22.75
CA VAL B 752 -25.93 -15.91 -24.15
C VAL B 752 -27.37 -15.56 -24.49
N LEU B 753 -28.31 -16.41 -24.08
CA LEU B 753 -29.71 -16.16 -24.42
C LEU B 753 -30.24 -14.89 -23.76
N PHE B 754 -29.90 -14.67 -22.49
CA PHE B 754 -30.36 -13.48 -21.79
C PHE B 754 -29.77 -12.22 -22.40
N SER B 755 -28.48 -12.23 -22.74
CA SER B 755 -27.88 -11.05 -23.33
C SER B 755 -28.42 -10.79 -24.73
N LEU B 756 -28.82 -11.82 -25.45
CA LEU B 756 -29.40 -11.62 -26.77
C LEU B 756 -30.85 -11.13 -26.71
N LEU B 757 -31.62 -11.57 -25.72
CA LEU B 757 -33.04 -11.27 -25.67
C LEU B 757 -33.49 -10.40 -24.51
N GLY B 758 -32.63 -10.14 -23.52
CA GLY B 758 -33.06 -9.41 -22.35
C GLY B 758 -33.20 -7.92 -22.61
N ALA B 759 -34.01 -7.28 -21.77
CA ALA B 759 -34.21 -5.84 -21.85
C ALA B 759 -33.12 -5.06 -21.11
N GLN B 760 -32.38 -5.72 -20.23
CA GLN B 760 -31.24 -5.12 -19.53
C GLN B 760 -30.06 -6.06 -19.69
N PRO B 761 -29.31 -5.94 -20.79
CA PRO B 761 -28.21 -6.88 -21.05
C PRO B 761 -26.97 -6.65 -20.21
N LEU B 762 -27.00 -5.74 -19.24
CA LEU B 762 -25.88 -5.50 -18.36
C LEU B 762 -25.89 -6.38 -17.11
N LEU B 763 -26.90 -7.23 -16.96
CA LEU B 763 -26.94 -8.18 -15.86
C LEU B 763 -26.15 -9.43 -16.21
N VAL B 764 -25.48 -10.00 -15.21
CA VAL B 764 -24.68 -11.19 -15.37
C VAL B 764 -25.30 -12.29 -14.52
N VAL B 765 -25.66 -13.40 -15.16
CA VAL B 765 -26.35 -14.50 -14.48
C VAL B 765 -25.32 -15.51 -13.98
N GLY B 766 -25.70 -16.23 -12.93
CA GLY B 766 -24.82 -17.21 -12.33
C GLY B 766 -25.48 -17.85 -11.13
N PHE B 767 -24.67 -18.62 -10.41
CA PHE B 767 -25.09 -19.33 -9.21
C PHE B 767 -24.83 -18.48 -7.96
N SER B 768 -25.47 -18.86 -6.86
CA SER B 768 -25.33 -18.13 -5.61
C SER B 768 -25.50 -19.09 -4.44
N GLY B 769 -25.24 -18.56 -3.24
CA GLY B 769 -25.31 -19.33 -2.02
C GLY B 769 -26.68 -19.88 -1.64
N PRO B 770 -27.72 -19.03 -1.68
CA PRO B 770 -29.07 -19.53 -1.37
C PRO B 770 -29.53 -20.64 -2.30
N LEU B 771 -29.15 -20.58 -3.57
CA LEU B 771 -29.47 -21.67 -4.49
C LEU B 771 -28.80 -22.97 -4.05
N LEU B 772 -27.54 -22.88 -3.62
CA LEU B 772 -26.85 -24.07 -3.12
C LEU B 772 -27.52 -24.62 -1.87
N VAL B 773 -27.95 -23.74 -0.97
CA VAL B 773 -28.65 -24.17 0.24
C VAL B 773 -29.93 -24.90 -0.12
N PHE B 774 -30.71 -24.34 -1.05
CA PHE B 774 -31.94 -24.99 -1.47
C PHE B 774 -31.67 -26.34 -2.12
N GLU B 775 -30.63 -26.42 -2.96
CA GLU B 775 -30.32 -27.68 -3.61
C GLU B 775 -29.94 -28.75 -2.61
N GLU B 776 -29.11 -28.39 -1.61
CA GLU B 776 -28.74 -29.38 -0.61
C GLU B 776 -29.93 -29.81 0.24
N ALA B 777 -30.81 -28.87 0.59
CA ALA B 777 -32.00 -29.23 1.36
C ALA B 777 -32.92 -30.15 0.57
N PHE B 778 -33.12 -29.86 -0.71
CA PHE B 778 -33.98 -30.69 -1.54
C PHE B 778 -33.36 -32.07 -1.76
N PHE B 779 -32.03 -32.14 -1.91
CA PHE B 779 -31.38 -33.44 -2.02
C PHE B 779 -31.58 -34.27 -0.76
N LYS B 780 -31.44 -33.64 0.42
CA LYS B 780 -31.66 -34.37 1.66
C LYS B 780 -33.11 -34.85 1.77
N PHE B 781 -34.06 -33.99 1.40
CA PHE B 781 -35.46 -34.39 1.45
C PHE B 781 -35.75 -35.55 0.51
N CYS B 782 -35.20 -35.51 -0.71
CA CYS B 782 -35.42 -36.58 -1.67
C CYS B 782 -34.78 -37.88 -1.20
N ARG B 783 -33.60 -37.80 -0.59
CA ARG B 783 -32.95 -39.00 -0.08
C ARG B 783 -33.74 -39.60 1.08
N ALA B 784 -34.30 -38.75 1.95
CA ALA B 784 -35.04 -39.27 3.10
C ALA B 784 -36.28 -40.03 2.67
N GLN B 785 -37.01 -39.53 1.67
CA GLN B 785 -38.27 -40.11 1.26
C GLN B 785 -38.13 -41.17 0.17
N ASP B 786 -36.90 -41.51 -0.22
CA ASP B 786 -36.65 -42.51 -1.27
C ASP B 786 -37.28 -42.09 -2.59
N LEU B 787 -36.86 -40.94 -3.10
CA LEU B 787 -37.30 -40.41 -4.37
C LEU B 787 -36.10 -40.06 -5.23
N GLU B 788 -36.33 -39.98 -6.53
CA GLU B 788 -35.27 -39.59 -7.46
C GLU B 788 -35.10 -38.08 -7.44
N TYR B 789 -33.84 -37.64 -7.37
CA TYR B 789 -33.53 -36.22 -7.21
C TYR B 789 -33.82 -35.44 -8.48
N LEU B 790 -33.38 -35.96 -9.63
CA LEU B 790 -33.46 -35.18 -10.87
C LEU B 790 -34.89 -35.09 -11.40
N THR B 791 -35.68 -36.15 -11.22
CA THR B 791 -37.09 -36.08 -11.63
C THR B 791 -37.86 -35.08 -10.77
N GLY B 792 -37.59 -35.07 -9.46
CA GLY B 792 -38.16 -34.05 -8.61
C GLY B 792 -37.77 -32.66 -9.05
N ARG B 793 -36.51 -32.48 -9.45
CA ARG B 793 -36.08 -31.18 -9.99
C ARG B 793 -36.85 -30.84 -11.26
N VAL B 794 -37.11 -31.83 -12.11
CA VAL B 794 -37.86 -31.59 -13.34
C VAL B 794 -39.25 -31.05 -13.02
N TRP B 795 -39.94 -31.70 -12.09
CA TRP B 795 -41.29 -31.26 -11.77
C TRP B 795 -41.30 -29.92 -11.05
N VAL B 796 -40.30 -29.66 -10.20
CA VAL B 796 -40.16 -28.36 -9.56
C VAL B 796 -39.98 -27.28 -10.62
N GLY B 797 -39.16 -27.55 -11.64
CA GLY B 797 -38.96 -26.58 -12.70
C GLY B 797 -40.23 -26.31 -13.50
N LEU B 798 -40.99 -27.37 -13.78
CA LEU B 798 -42.25 -27.17 -14.49
C LEU B 798 -43.22 -26.30 -13.70
N TRP B 799 -43.34 -26.56 -12.40
CA TRP B 799 -44.21 -25.74 -11.57
C TRP B 799 -43.71 -24.31 -11.48
N LEU B 800 -42.39 -24.12 -11.43
CA LEU B 800 -41.82 -22.78 -11.43
C LEU B 800 -42.14 -22.03 -12.71
N VAL B 801 -42.07 -22.72 -13.85
CA VAL B 801 -42.44 -22.09 -15.13
C VAL B 801 -43.90 -21.65 -15.10
N VAL B 802 -44.78 -22.52 -14.61
CA VAL B 802 -46.20 -22.19 -14.55
C VAL B 802 -46.42 -20.96 -13.66
N PHE B 803 -45.78 -20.95 -12.48
CA PHE B 803 -45.97 -19.85 -11.55
C PHE B 803 -45.43 -18.54 -12.12
N VAL B 804 -44.27 -18.58 -12.77
CA VAL B 804 -43.71 -17.35 -13.34
C VAL B 804 -44.59 -16.82 -14.46
N LEU B 805 -45.12 -17.73 -15.31
CA LEU B 805 -46.03 -17.29 -16.36
C LEU B 805 -47.27 -16.63 -15.77
N ALA B 806 -47.85 -17.25 -14.74
CA ALA B 806 -49.04 -16.67 -14.11
C ALA B 806 -48.74 -15.32 -13.48
N LEU B 807 -47.58 -15.20 -12.83
CA LEU B 807 -47.21 -13.93 -12.19
C LEU B 807 -47.02 -12.83 -13.22
N VAL B 808 -46.34 -13.13 -14.34
CA VAL B 808 -46.09 -12.10 -15.35
C VAL B 808 -47.39 -11.71 -16.05
N ALA B 809 -48.26 -12.69 -16.33
CA ALA B 809 -49.49 -12.40 -17.05
C ALA B 809 -50.41 -11.45 -16.31
N ALA B 810 -50.28 -11.33 -14.98
CA ALA B 810 -51.13 -10.47 -14.18
C ALA B 810 -50.45 -9.17 -13.79
N GLU B 811 -49.32 -8.84 -14.43
CA GLU B 811 -48.55 -7.64 -14.12
C GLU B 811 -48.18 -7.59 -12.64
N GLY B 812 -47.71 -8.71 -12.12
CA GLY B 812 -47.37 -8.81 -10.72
C GLY B 812 -46.04 -8.20 -10.34
N SER B 813 -45.29 -7.67 -11.31
CA SER B 813 -44.01 -7.04 -11.07
C SER B 813 -44.13 -5.56 -10.75
N PHE B 814 -45.33 -5.08 -10.41
CA PHE B 814 -45.51 -3.70 -10.00
C PHE B 814 -45.29 -3.50 -8.50
N LEU B 815 -45.13 -4.58 -7.74
CA LEU B 815 -44.85 -4.51 -6.32
C LEU B 815 -43.42 -4.06 -6.03
N VAL B 816 -42.58 -3.95 -7.06
CA VAL B 816 -41.22 -3.45 -6.89
C VAL B 816 -41.20 -1.97 -6.51
N ARG B 817 -42.32 -1.27 -6.65
CA ARG B 817 -42.40 0.12 -6.22
C ARG B 817 -42.32 0.27 -4.70
N TYR B 818 -42.54 -0.81 -3.96
CA TYR B 818 -42.50 -0.77 -2.50
C TYR B 818 -41.14 -1.12 -1.91
N ILE B 819 -40.15 -1.41 -2.76
CA ILE B 819 -38.81 -1.74 -2.28
C ILE B 819 -38.04 -0.43 -2.20
N SER B 820 -38.00 0.15 -1.00
CA SER B 820 -37.33 1.41 -0.77
C SER B 820 -35.83 1.21 -0.72
N PRO B 821 -35.06 2.30 -0.85
CA PRO B 821 -33.59 2.17 -0.72
C PRO B 821 -33.13 1.62 0.61
N PHE B 822 -33.98 1.61 1.64
CA PHE B 822 -33.72 0.89 2.88
C PHE B 822 -33.29 -0.54 2.60
N THR B 823 -34.20 -1.31 1.96
CA THR B 823 -33.95 -2.72 1.70
C THR B 823 -32.80 -2.91 0.71
N GLN B 824 -32.71 -2.05 -0.31
CA GLN B 824 -31.65 -2.18 -1.30
C GLN B 824 -30.28 -1.99 -0.65
N GLU B 825 -30.17 -0.97 0.21
CA GLU B 825 -28.90 -0.72 0.90
C GLU B 825 -28.54 -1.89 1.81
N ILE B 826 -29.52 -2.40 2.56
CA ILE B 826 -29.26 -3.54 3.44
C ILE B 826 -28.74 -4.72 2.64
N PHE B 827 -29.42 -5.05 1.53
CA PHE B 827 -29.05 -6.20 0.72
C PHE B 827 -27.65 -6.05 0.15
N ALA B 828 -27.37 -4.89 -0.47
CA ALA B 828 -26.06 -4.70 -1.10
C ALA B 828 -24.93 -4.74 -0.07
N PHE B 829 -25.12 -4.08 1.07
CA PHE B 829 -24.09 -4.06 2.09
C PHE B 829 -23.80 -5.46 2.60
N LEU B 830 -24.86 -6.23 2.89
CA LEU B 830 -24.67 -7.59 3.38
C LEU B 830 -23.94 -8.45 2.35
N ILE B 831 -24.33 -8.35 1.08
CA ILE B 831 -23.74 -9.20 0.05
C ILE B 831 -22.25 -8.90 -0.09
N SER B 832 -21.90 -7.61 -0.18
CA SER B 832 -20.49 -7.25 -0.35
C SER B 832 -19.64 -7.64 0.86
N LEU B 833 -20.18 -7.45 2.07
CA LEU B 833 -19.44 -7.82 3.27
C LEU B 833 -19.18 -9.32 3.30
N ILE B 834 -20.19 -10.12 2.94
CA ILE B 834 -20.00 -11.57 2.90
C ILE B 834 -18.97 -11.95 1.85
N PHE B 835 -18.99 -11.28 0.69
CA PHE B 835 -17.98 -11.51 -0.35
C PHE B 835 -16.57 -11.35 0.21
N ILE B 836 -16.31 -10.22 0.87
CA ILE B 836 -14.98 -9.97 1.43
C ILE B 836 -14.62 -11.03 2.46
N TYR B 837 -15.59 -11.41 3.29
CA TYR B 837 -15.32 -12.40 4.33
C TYR B 837 -14.91 -13.74 3.73
N GLU B 838 -15.61 -14.19 2.67
CA GLU B 838 -15.23 -15.46 2.05
C GLU B 838 -13.85 -15.39 1.40
N THR B 839 -13.50 -14.25 0.80
CA THR B 839 -12.15 -14.15 0.24
C THR B 839 -11.08 -14.31 1.32
N PHE B 840 -11.26 -13.61 2.45
CA PHE B 840 -10.28 -13.74 3.52
C PHE B 840 -10.27 -15.14 4.12
N TYR B 841 -11.43 -15.80 4.21
CA TYR B 841 -11.46 -17.16 4.71
C TYR B 841 -10.73 -18.12 3.78
N LYS B 842 -10.83 -17.91 2.47
CA LYS B 842 -10.06 -18.75 1.55
C LYS B 842 -8.57 -18.57 1.76
N LEU B 843 -8.12 -17.33 1.98
CA LEU B 843 -6.71 -17.14 2.28
C LEU B 843 -6.31 -17.85 3.57
N TYR B 844 -7.16 -17.77 4.60
CA TYR B 844 -6.87 -18.46 5.86
C TYR B 844 -6.77 -19.97 5.67
N LYS B 845 -7.67 -20.53 4.86
CA LYS B 845 -7.61 -21.96 4.57
C LYS B 845 -6.32 -22.33 3.85
N VAL B 846 -5.87 -21.48 2.93
CA VAL B 846 -4.58 -21.69 2.28
C VAL B 846 -3.47 -21.74 3.32
N PHE B 847 -3.52 -20.83 4.31
CA PHE B 847 -2.52 -20.87 5.37
C PHE B 847 -2.59 -22.16 6.18
N THR B 848 -3.80 -22.64 6.47
CA THR B 848 -3.92 -23.84 7.30
C THR B 848 -3.48 -25.10 6.56
N GLU B 849 -3.59 -25.11 5.22
CA GLU B 849 -3.17 -26.29 4.48
C GLU B 849 -1.66 -26.46 4.46
N HIS B 850 -0.91 -25.36 4.41
CA HIS B 850 0.55 -25.37 4.30
C HIS B 850 1.14 -24.55 5.44
N PRO B 851 1.22 -25.12 6.63
CA PRO B 851 1.65 -24.34 7.80
C PRO B 851 3.14 -24.06 7.79
N LEU B 852 3.54 -23.12 8.62
CA LEU B 852 4.95 -22.76 8.79
C LEU B 852 5.57 -23.66 9.85
N LEU B 853 6.39 -24.61 9.41
CA LEU B 853 6.97 -25.61 10.30
C LEU B 853 8.47 -25.35 10.49
N PRO B 854 9.03 -25.80 11.62
CA PRO B 854 10.49 -25.67 11.79
C PRO B 854 11.28 -26.50 10.80
N PHE B 855 10.92 -27.77 10.63
CA PHE B 855 11.61 -28.69 9.73
C PHE B 855 10.64 -29.21 8.69
N TYR B 856 11.14 -29.42 7.47
CA TYR B 856 10.34 -29.88 6.34
C TYR B 856 11.00 -31.13 5.76
N PRO B 857 10.73 -32.30 6.34
CA PRO B 857 11.42 -33.51 5.89
C PRO B 857 10.82 -34.05 4.60
N PRO B 858 11.65 -34.50 3.67
CA PRO B 858 11.11 -35.08 2.43
C PRO B 858 10.41 -36.39 2.68
N GLU B 859 9.42 -36.69 1.84
CA GLU B 859 8.66 -37.92 1.95
C GLU B 859 9.02 -38.90 0.85
N PRO B 884 -4.26 -36.76 -4.82
CA PRO B 884 -3.43 -36.41 -3.66
C PRO B 884 -2.71 -35.08 -3.83
N SER B 885 -3.39 -33.98 -3.52
CA SER B 885 -2.79 -32.67 -3.64
C SER B 885 -1.66 -32.51 -2.62
N PRO B 886 -0.61 -31.77 -2.97
CA PRO B 886 0.51 -31.61 -2.04
C PRO B 886 0.09 -30.88 -0.76
N ARG B 887 0.73 -31.26 0.34
CA ARG B 887 0.47 -30.65 1.64
C ARG B 887 1.79 -30.44 2.37
N ASN B 888 1.77 -29.51 3.32
CA ASN B 888 2.94 -29.20 4.15
C ASN B 888 4.13 -28.80 3.29
N GLN B 889 3.92 -27.83 2.40
CA GLN B 889 4.95 -27.33 1.51
C GLN B 889 5.55 -26.04 2.05
N PRO B 890 6.84 -25.81 1.84
CA PRO B 890 7.45 -24.55 2.28
C PRO B 890 7.24 -23.43 1.28
N ASN B 891 7.23 -22.20 1.81
CA ASN B 891 7.20 -20.97 1.02
C ASN B 891 5.92 -20.80 0.22
N THR B 892 4.88 -21.56 0.54
CA THR B 892 3.63 -21.49 -0.23
C THR B 892 2.67 -20.45 0.33
N ALA B 893 2.42 -20.48 1.63
CA ALA B 893 1.45 -19.58 2.23
C ALA B 893 1.89 -18.12 2.12
N LEU B 894 3.15 -17.85 2.43
CA LEU B 894 3.64 -16.47 2.38
C LEU B 894 3.67 -15.96 0.94
N LEU B 895 4.04 -16.82 -0.02
CA LEU B 895 4.02 -16.41 -1.41
C LEU B 895 2.61 -16.12 -1.89
N SER B 896 1.63 -16.92 -1.47
CA SER B 896 0.24 -16.66 -1.83
C SER B 896 -0.23 -15.33 -1.26
N LEU B 897 0.11 -15.06 0.00
CA LEU B 897 -0.25 -13.78 0.60
C LEU B 897 0.38 -12.62 -0.15
N ILE B 898 1.66 -12.76 -0.53
CA ILE B 898 2.36 -11.71 -1.26
C ILE B 898 1.71 -11.47 -2.61
N LEU B 899 1.36 -12.54 -3.33
CA LEU B 899 0.73 -12.39 -4.63
C LEU B 899 -0.62 -11.69 -4.52
N MET B 900 -1.43 -12.09 -3.53
CA MET B 900 -2.73 -11.44 -3.33
C MET B 900 -2.57 -9.95 -3.06
N LEU B 901 -1.70 -9.60 -2.10
CA LEU B 901 -1.53 -8.20 -1.74
C LEU B 901 -0.96 -7.40 -2.90
N GLY B 902 0.00 -7.96 -3.63
CA GLY B 902 0.56 -7.25 -4.76
C GLY B 902 -0.45 -6.98 -5.85
N THR B 903 -1.26 -7.98 -6.18
CA THR B 903 -2.31 -7.77 -7.19
C THR B 903 -3.27 -6.68 -6.76
N PHE B 904 -3.73 -6.74 -5.51
CA PHE B 904 -4.68 -5.74 -5.03
C PHE B 904 -4.07 -4.33 -5.07
N PHE B 905 -2.82 -4.19 -4.61
CA PHE B 905 -2.21 -2.87 -4.54
C PHE B 905 -1.91 -2.31 -5.92
N ILE B 906 -1.43 -3.15 -6.85
CA ILE B 906 -1.18 -2.66 -8.20
C ILE B 906 -2.48 -2.20 -8.85
N ALA B 907 -3.56 -2.99 -8.67
CA ALA B 907 -4.84 -2.58 -9.24
C ALA B 907 -5.31 -1.25 -8.65
N PHE B 908 -5.21 -1.10 -7.33
CA PHE B 908 -5.65 0.13 -6.69
C PHE B 908 -4.83 1.34 -7.15
N PHE B 909 -3.51 1.17 -7.24
CA PHE B 909 -2.66 2.30 -7.64
C PHE B 909 -2.91 2.67 -9.09
N LEU B 910 -3.09 1.68 -9.97
CA LEU B 910 -3.39 2.00 -11.37
C LEU B 910 -4.75 2.67 -11.51
N ARG B 911 -5.72 2.28 -10.68
CA ARG B 911 -7.01 2.97 -10.69
C ARG B 911 -6.85 4.43 -10.24
N LYS B 912 -6.06 4.66 -9.19
CA LYS B 912 -5.82 6.03 -8.73
C LYS B 912 -5.04 6.85 -9.75
N PHE B 913 -4.22 6.22 -10.59
CA PHE B 913 -3.44 6.93 -11.59
C PHE B 913 -4.30 7.63 -12.64
N ARG B 914 -5.58 7.25 -12.77
CA ARG B 914 -6.43 7.84 -13.79
C ARG B 914 -6.63 9.34 -13.58
N ASN B 915 -6.85 9.76 -12.34
CA ASN B 915 -7.21 11.14 -12.04
C ASN B 915 -6.00 12.04 -11.82
N SER B 916 -4.78 11.53 -12.04
CA SER B 916 -3.59 12.33 -11.86
C SER B 916 -3.39 13.26 -13.05
N ARG B 917 -2.24 13.95 -13.07
CA ARG B 917 -1.91 14.89 -14.13
C ARG B 917 -0.77 14.42 -15.03
N PHE B 918 -0.10 13.33 -14.69
CA PHE B 918 1.04 12.88 -15.46
C PHE B 918 0.60 12.31 -16.81
N LEU B 919 1.48 12.43 -17.80
CA LEU B 919 1.26 11.91 -19.15
C LEU B 919 0.07 12.59 -19.82
N GLY B 920 -0.21 12.22 -21.06
CA GLY B 920 -1.33 12.80 -21.77
C GLY B 920 -2.67 12.23 -21.34
N GLY B 921 -3.73 12.85 -21.84
CA GLY B 921 -5.08 12.37 -21.53
C GLY B 921 -5.37 11.00 -22.11
N LYS B 922 -4.98 10.79 -23.38
CA LYS B 922 -5.22 9.50 -24.01
C LYS B 922 -4.44 8.39 -23.32
N ALA B 923 -3.17 8.65 -22.99
CA ALA B 923 -2.38 7.66 -22.29
C ALA B 923 -2.96 7.34 -20.91
N ARG B 924 -3.42 8.38 -20.20
CA ARG B 924 -4.02 8.16 -18.89
C ARG B 924 -5.27 7.30 -19.01
N ARG B 925 -6.13 7.60 -19.99
CA ARG B 925 -7.34 6.81 -20.17
C ARG B 925 -7.01 5.36 -20.51
N ILE B 926 -6.06 5.16 -21.42
CA ILE B 926 -5.73 3.80 -21.85
C ILE B 926 -5.15 2.99 -20.70
N ILE B 927 -4.24 3.61 -19.92
CA ILE B 927 -3.63 2.88 -18.81
C ILE B 927 -4.66 2.60 -17.72
N GLY B 928 -5.57 3.55 -17.46
CA GLY B 928 -6.56 3.34 -16.43
C GLY B 928 -7.57 2.27 -16.80
N ASP B 929 -7.96 2.21 -18.07
CA ASP B 929 -8.92 1.19 -18.50
C ASP B 929 -8.37 -0.22 -18.31
N PHE B 930 -7.09 -0.42 -18.63
CA PHE B 930 -6.46 -1.73 -18.59
C PHE B 930 -5.69 -1.97 -17.29
N GLY B 931 -6.13 -1.37 -16.18
CA GLY B 931 -5.40 -1.52 -14.94
C GLY B 931 -5.40 -2.94 -14.40
N ILE B 932 -6.56 -3.59 -14.41
CA ILE B 932 -6.72 -4.92 -13.83
C ILE B 932 -6.08 -5.99 -14.72
N PRO B 933 -6.27 -5.96 -16.05
CA PRO B 933 -5.49 -6.88 -16.89
C PRO B 933 -3.99 -6.72 -16.72
N ILE B 934 -3.51 -5.47 -16.57
CA ILE B 934 -2.08 -5.26 -16.36
C ILE B 934 -1.64 -5.85 -15.04
N SER B 935 -2.43 -5.65 -13.99
CA SER B 935 -2.09 -6.23 -12.68
C SER B 935 -2.02 -7.75 -12.78
N ILE B 936 -3.01 -8.37 -13.42
CA ILE B 936 -3.04 -9.82 -13.54
C ILE B 936 -1.83 -10.32 -14.31
N LEU B 937 -1.52 -9.67 -15.45
CA LEU B 937 -0.39 -10.12 -16.26
C LEU B 937 0.92 -9.98 -15.51
N VAL B 938 1.12 -8.85 -14.82
CA VAL B 938 2.36 -8.62 -14.10
C VAL B 938 2.54 -9.65 -12.99
N MET B 939 1.48 -9.91 -12.21
CA MET B 939 1.62 -10.85 -11.12
C MET B 939 1.76 -12.28 -11.63
N VAL B 940 1.11 -12.62 -12.74
CA VAL B 940 1.29 -13.95 -13.33
C VAL B 940 2.72 -14.14 -13.80
N LEU B 941 3.31 -13.12 -14.43
CA LEU B 941 4.71 -13.22 -14.84
C LEU B 941 5.64 -13.33 -13.64
N VAL B 942 5.35 -12.57 -12.57
CA VAL B 942 6.18 -12.65 -11.37
C VAL B 942 6.13 -14.05 -10.78
N ASP B 943 4.93 -14.65 -10.72
CA ASP B 943 4.81 -16.01 -10.21
C ASP B 943 5.47 -17.02 -11.15
N TYR B 944 5.44 -16.75 -12.46
CA TYR B 944 6.01 -17.68 -13.43
C TYR B 944 7.54 -17.67 -13.39
N SER B 945 8.14 -16.52 -13.07
CA SER B 945 9.60 -16.46 -13.01
C SER B 945 10.14 -17.37 -11.91
N ILE B 946 9.48 -17.39 -10.75
CA ILE B 946 9.89 -18.24 -9.63
C ILE B 946 9.44 -19.66 -9.93
N THR B 947 10.35 -20.52 -10.36
CA THR B 947 10.04 -21.95 -10.48
C THR B 947 10.91 -22.69 -9.47
N ASP B 948 10.51 -22.62 -8.21
CA ASP B 948 10.94 -23.53 -7.16
C ASP B 948 9.82 -23.89 -6.19
N THR B 949 8.78 -23.09 -6.09
CA THR B 949 7.76 -23.19 -5.05
C THR B 949 6.43 -23.63 -5.65
N TYR B 950 5.70 -24.43 -4.89
CA TYR B 950 4.39 -24.90 -5.30
C TYR B 950 3.32 -23.85 -5.00
N THR B 951 2.51 -23.53 -6.02
CA THR B 951 1.33 -22.69 -5.86
C THR B 951 0.17 -23.34 -6.60
N GLN B 952 -1.02 -23.21 -6.02
CA GLN B 952 -2.21 -23.81 -6.60
C GLN B 952 -2.71 -22.95 -7.76
N LYS B 953 -3.09 -23.62 -8.85
CA LYS B 953 -3.49 -22.95 -10.08
C LYS B 953 -4.87 -23.43 -10.51
N LEU B 954 -5.45 -22.73 -11.47
CA LEU B 954 -6.80 -23.03 -11.93
C LEU B 954 -6.85 -24.40 -12.58
N THR B 955 -7.89 -25.16 -12.24
CA THR B 955 -8.19 -26.45 -12.86
C THR B 955 -9.58 -26.38 -13.48
N VAL B 956 -9.72 -26.94 -14.68
CA VAL B 956 -10.96 -26.88 -15.43
C VAL B 956 -11.17 -28.25 -16.06
N PRO B 957 -12.37 -28.83 -15.98
CA PRO B 957 -12.61 -30.12 -16.62
C PRO B 957 -12.40 -30.05 -18.13
N THR B 958 -11.86 -31.14 -18.68
CA THR B 958 -11.56 -31.22 -20.10
C THR B 958 -12.63 -32.06 -20.79
N GLY B 959 -13.16 -31.54 -21.89
CA GLY B 959 -14.19 -32.22 -22.64
C GLY B 959 -15.58 -31.87 -22.15
N LEU B 960 -16.56 -32.06 -23.03
CA LEU B 960 -17.96 -31.78 -22.75
C LEU B 960 -18.64 -33.09 -22.39
N SER B 961 -18.64 -33.42 -21.10
CA SER B 961 -19.24 -34.65 -20.62
C SER B 961 -19.88 -34.41 -19.26
N VAL B 962 -20.91 -35.20 -18.96
CA VAL B 962 -21.56 -35.11 -17.66
C VAL B 962 -20.60 -35.59 -16.58
N THR B 963 -20.80 -35.09 -15.36
CA THR B 963 -19.86 -35.38 -14.27
C THR B 963 -19.82 -36.86 -13.95
N SER B 964 -20.97 -37.52 -13.91
CA SER B 964 -21.08 -38.94 -13.58
C SER B 964 -21.73 -39.66 -14.76
N PRO B 965 -20.96 -40.07 -15.76
CA PRO B 965 -21.56 -40.74 -16.93
C PRO B 965 -22.22 -42.06 -16.60
N ASP B 966 -21.84 -42.71 -15.51
CA ASP B 966 -22.45 -43.99 -15.16
C ASP B 966 -23.85 -43.79 -14.59
N LYS B 967 -24.04 -42.77 -13.75
CA LYS B 967 -25.30 -42.61 -13.04
C LYS B 967 -26.40 -42.02 -13.94
N ARG B 968 -26.05 -41.09 -14.82
CA ARG B 968 -27.06 -40.34 -15.54
C ARG B 968 -26.53 -39.92 -16.90
N SER B 969 -27.45 -39.45 -17.74
CA SER B 969 -27.15 -38.92 -19.07
C SER B 969 -27.58 -37.46 -19.13
N TRP B 970 -27.53 -36.88 -20.33
CA TRP B 970 -27.82 -35.46 -20.47
C TRP B 970 -29.31 -35.16 -20.33
N PHE B 971 -30.18 -36.08 -20.74
CA PHE B 971 -31.62 -35.88 -20.71
C PHE B 971 -32.23 -36.69 -19.57
N ILE B 972 -33.02 -36.03 -18.73
CA ILE B 972 -33.65 -36.66 -17.58
C ILE B 972 -35.12 -36.91 -17.92
N PRO B 973 -35.55 -38.15 -18.04
CA PRO B 973 -36.97 -38.43 -18.35
C PRO B 973 -37.87 -37.93 -17.23
N PRO B 974 -38.98 -37.28 -17.58
CA PRO B 974 -39.86 -36.74 -16.54
C PRO B 974 -40.72 -37.78 -15.84
N LEU B 975 -40.88 -38.97 -16.43
CA LEU B 975 -41.74 -40.00 -15.88
C LEU B 975 -40.99 -41.02 -15.02
N GLY B 976 -39.67 -40.86 -14.87
CA GLY B 976 -38.89 -41.80 -14.10
C GLY B 976 -38.00 -42.68 -14.95
N SER B 977 -36.74 -42.85 -14.53
CA SER B 977 -35.79 -43.65 -15.29
C SER B 977 -35.78 -45.10 -14.83
N ALA B 978 -35.47 -45.34 -13.55
CA ALA B 978 -35.43 -46.69 -13.01
C ALA B 978 -36.67 -47.06 -12.22
N ARG B 979 -37.41 -46.08 -11.69
CA ARG B 979 -38.62 -46.33 -10.94
C ARG B 979 -39.73 -45.43 -11.48
N PRO B 980 -40.98 -45.87 -11.37
CA PRO B 980 -42.09 -44.95 -11.65
C PRO B 980 -42.12 -43.82 -10.64
N PHE B 981 -42.45 -42.63 -11.11
CA PHE B 981 -42.54 -41.49 -10.20
C PHE B 981 -43.95 -41.38 -9.63
N PRO B 982 -44.10 -41.26 -8.32
CA PRO B 982 -45.45 -41.22 -7.73
C PRO B 982 -46.14 -39.91 -8.08
N PRO B 983 -47.42 -39.96 -8.46
CA PRO B 983 -48.13 -38.72 -8.82
C PRO B 983 -48.26 -37.73 -7.69
N TRP B 984 -48.27 -38.19 -6.43
CA TRP B 984 -48.41 -37.27 -5.32
C TRP B 984 -47.24 -36.31 -5.24
N MET B 985 -46.02 -36.79 -5.54
CA MET B 985 -44.87 -35.89 -5.61
C MET B 985 -45.02 -34.89 -6.75
N MET B 986 -45.56 -35.34 -7.89
CA MET B 986 -45.81 -34.44 -9.00
C MET B 986 -46.72 -33.30 -8.58
N VAL B 987 -47.79 -33.61 -7.84
CA VAL B 987 -48.72 -32.58 -7.40
C VAL B 987 -48.08 -31.70 -6.33
N ALA B 988 -47.36 -32.31 -5.39
CA ALA B 988 -46.84 -31.60 -4.22
C ALA B 988 -45.53 -30.86 -4.47
N ALA B 989 -44.96 -30.97 -5.66
CA ALA B 989 -43.74 -30.22 -5.94
C ALA B 989 -43.96 -28.70 -6.04
N ALA B 990 -45.14 -28.18 -5.71
CA ALA B 990 -45.40 -26.75 -5.87
C ALA B 990 -44.70 -25.93 -4.79
N VAL B 991 -44.58 -26.46 -3.57
CA VAL B 991 -43.99 -25.69 -2.47
C VAL B 991 -42.52 -25.36 -2.73
N PRO B 992 -41.64 -26.30 -3.10
CA PRO B 992 -40.27 -25.90 -3.47
C PRO B 992 -40.25 -24.96 -4.66
N ALA B 993 -41.20 -25.10 -5.59
CA ALA B 993 -41.30 -24.14 -6.68
C ALA B 993 -41.62 -22.76 -6.16
N LEU B 994 -42.49 -22.66 -5.15
CA LEU B 994 -42.78 -21.38 -4.54
C LEU B 994 -41.54 -20.78 -3.88
N LEU B 995 -40.78 -21.60 -3.17
CA LEU B 995 -39.56 -21.10 -2.54
C LEU B 995 -38.57 -20.57 -3.58
N VAL B 996 -38.36 -21.34 -4.66
CA VAL B 996 -37.44 -20.92 -5.72
C VAL B 996 -37.93 -19.64 -6.37
N LEU B 997 -39.24 -19.54 -6.61
CA LEU B 997 -39.80 -18.33 -7.23
C LEU B 997 -39.56 -17.12 -6.35
N ILE B 998 -39.81 -17.24 -5.05
CA ILE B 998 -39.61 -16.12 -4.14
C ILE B 998 -38.14 -15.70 -4.14
N LEU B 999 -37.23 -16.68 -4.06
CA LEU B 999 -35.80 -16.38 -4.04
C LEU B 999 -35.38 -15.65 -5.31
N ILE B 1000 -35.72 -16.20 -6.47
CA ILE B 1000 -35.29 -15.63 -7.75
C ILE B 1000 -35.88 -14.24 -7.93
N PHE B 1001 -37.18 -14.10 -7.70
CA PHE B 1001 -37.83 -12.81 -7.84
C PHE B 1001 -37.15 -11.76 -6.96
N MET B 1002 -37.01 -12.06 -5.66
CA MET B 1002 -36.43 -11.07 -4.76
C MET B 1002 -35.04 -10.67 -5.21
N GLU B 1003 -34.16 -11.65 -5.43
CA GLU B 1003 -32.76 -11.28 -5.62
C GLU B 1003 -32.58 -10.59 -6.97
N THR B 1004 -33.24 -11.10 -8.02
CA THR B 1004 -33.12 -10.50 -9.35
C THR B 1004 -33.71 -9.09 -9.39
N GLN B 1005 -34.89 -8.89 -8.81
CA GLN B 1005 -35.50 -7.57 -8.85
C GLN B 1005 -34.72 -6.56 -8.03
N ILE B 1006 -34.16 -6.97 -6.89
CA ILE B 1006 -33.35 -6.04 -6.12
C ILE B 1006 -32.08 -5.67 -6.88
N THR B 1007 -31.47 -6.65 -7.57
CA THR B 1007 -30.29 -6.34 -8.38
C THR B 1007 -30.62 -5.38 -9.50
N ALA B 1008 -31.76 -5.59 -10.16
CA ALA B 1008 -32.17 -4.69 -11.25
C ALA B 1008 -32.48 -3.29 -10.74
N LEU B 1009 -33.05 -3.21 -9.53
CA LEU B 1009 -33.27 -1.90 -8.92
C LEU B 1009 -31.96 -1.19 -8.63
N ILE B 1010 -30.97 -1.92 -8.08
CA ILE B 1010 -29.70 -1.31 -7.74
C ILE B 1010 -28.97 -0.83 -8.99
N VAL B 1011 -28.99 -1.64 -10.06
CA VAL B 1011 -28.26 -1.29 -11.26
C VAL B 1011 -28.85 -0.06 -11.95
N SER B 1012 -30.18 0.06 -11.95
CA SER B 1012 -30.87 1.09 -12.71
C SER B 1012 -31.17 2.34 -11.88
N GLN B 1013 -30.32 2.68 -10.92
CA GLN B 1013 -30.53 3.90 -10.15
C GLN B 1013 -30.32 5.14 -11.03
N LYS B 1014 -30.92 6.25 -10.60
CA LYS B 1014 -30.87 7.47 -11.41
C LYS B 1014 -29.47 8.08 -11.43
N ALA B 1015 -28.69 7.87 -10.37
CA ALA B 1015 -27.36 8.48 -10.30
C ALA B 1015 -26.36 7.83 -11.23
N ARG B 1016 -26.66 6.64 -11.77
CA ARG B 1016 -25.73 5.92 -12.62
C ARG B 1016 -25.87 6.26 -14.09
N ARG B 1017 -26.84 7.09 -14.46
CA ARG B 1017 -27.03 7.59 -15.82
C ARG B 1017 -27.27 6.44 -16.80
N LEU B 1018 -28.37 5.73 -16.56
CA LEU B 1018 -28.88 4.72 -17.48
C LEU B 1018 -29.94 5.35 -18.36
N LEU B 1019 -29.77 5.21 -19.68
CA LEU B 1019 -30.58 5.95 -20.65
C LEU B 1019 -31.51 5.09 -21.49
N LYS B 1020 -31.00 4.00 -22.07
CA LYS B 1020 -31.76 3.26 -23.07
C LYS B 1020 -33.05 2.68 -22.51
N GLY B 1021 -33.08 2.37 -21.22
CA GLY B 1021 -34.29 1.85 -20.62
C GLY B 1021 -34.07 0.61 -19.77
N SER B 1022 -35.09 0.21 -19.02
CA SER B 1022 -35.00 -0.93 -18.13
C SER B 1022 -36.22 -1.82 -18.31
N GLY B 1023 -36.03 -3.11 -18.09
CA GLY B 1023 -37.11 -4.07 -18.19
C GLY B 1023 -37.30 -4.87 -16.92
N PHE B 1024 -38.45 -4.69 -16.26
CA PHE B 1024 -38.76 -5.41 -15.04
C PHE B 1024 -39.68 -6.60 -15.26
N HIS B 1025 -40.33 -6.70 -16.42
CA HIS B 1025 -41.20 -7.82 -16.73
C HIS B 1025 -40.56 -8.82 -17.69
N LEU B 1026 -39.75 -8.35 -18.64
CA LEU B 1026 -39.14 -9.25 -19.61
C LEU B 1026 -38.03 -10.08 -18.97
N ASP B 1027 -37.19 -9.46 -18.14
CA ASP B 1027 -36.07 -10.16 -17.53
C ASP B 1027 -36.57 -11.27 -16.60
N LEU B 1028 -37.59 -10.98 -15.80
CA LEU B 1028 -38.14 -11.99 -14.91
C LEU B 1028 -38.69 -13.18 -15.69
N LEU B 1029 -39.44 -12.90 -16.77
CA LEU B 1029 -39.98 -13.99 -17.58
C LEU B 1029 -38.87 -14.83 -18.19
N LEU B 1030 -37.85 -14.18 -18.74
CA LEU B 1030 -36.75 -14.91 -19.36
C LEU B 1030 -36.05 -15.80 -18.34
N ILE B 1031 -35.70 -15.24 -17.18
CA ILE B 1031 -34.96 -16.01 -16.17
C ILE B 1031 -35.81 -17.17 -15.67
N GLY B 1032 -37.09 -16.90 -15.37
CA GLY B 1032 -37.95 -17.97 -14.86
C GLY B 1032 -38.14 -19.09 -15.86
N SER B 1033 -38.43 -18.74 -17.11
CA SER B 1033 -38.65 -19.76 -18.13
C SER B 1033 -37.40 -20.58 -18.40
N LEU B 1034 -36.24 -19.91 -18.50
CA LEU B 1034 -35.01 -20.65 -18.76
C LEU B 1034 -34.65 -21.54 -17.58
N GLY B 1035 -34.83 -21.06 -16.35
CA GLY B 1035 -34.57 -21.90 -15.19
C GLY B 1035 -35.49 -23.10 -15.14
N GLY B 1036 -36.78 -22.90 -15.41
CA GLY B 1036 -37.70 -24.02 -15.42
C GLY B 1036 -37.38 -25.04 -16.49
N LEU B 1037 -36.99 -24.58 -17.67
CA LEU B 1037 -36.64 -25.51 -18.74
C LEU B 1037 -35.28 -26.18 -18.50
N CYS B 1038 -34.42 -25.60 -17.66
CA CYS B 1038 -33.16 -26.23 -17.33
C CYS B 1038 -33.33 -27.52 -16.54
N GLY B 1039 -34.49 -27.71 -15.90
CA GLY B 1039 -34.69 -28.92 -15.11
C GLY B 1039 -34.69 -30.19 -15.93
N LEU B 1040 -35.16 -30.13 -17.18
CA LEU B 1040 -35.26 -31.34 -18.00
C LEU B 1040 -33.90 -31.94 -18.31
N PHE B 1041 -32.86 -31.10 -18.40
CA PHE B 1041 -31.53 -31.56 -18.75
C PHE B 1041 -30.60 -31.66 -17.54
N GLY B 1042 -31.14 -31.58 -16.33
CA GLY B 1042 -30.35 -31.72 -15.13
C GLY B 1042 -29.32 -30.63 -14.92
N LEU B 1043 -29.69 -29.38 -15.21
CA LEU B 1043 -28.80 -28.25 -14.99
C LEU B 1043 -29.32 -27.37 -13.86
N PRO B 1044 -28.43 -26.74 -13.10
CA PRO B 1044 -28.87 -25.90 -11.99
C PRO B 1044 -29.56 -24.63 -12.46
N TRP B 1045 -30.39 -24.08 -11.58
CA TRP B 1045 -31.03 -22.80 -11.83
C TRP B 1045 -30.04 -21.67 -11.59
N LEU B 1046 -30.28 -20.54 -12.25
CA LEU B 1046 -29.39 -19.39 -12.18
C LEU B 1046 -30.20 -18.13 -11.91
N THR B 1047 -29.51 -17.11 -11.39
CA THR B 1047 -30.12 -15.83 -11.13
C THR B 1047 -29.07 -14.75 -11.35
N ALA B 1048 -29.52 -13.50 -11.38
CA ALA B 1048 -28.59 -12.39 -11.53
C ALA B 1048 -27.66 -12.30 -10.35
N ALA B 1049 -26.43 -11.86 -10.60
CA ALA B 1049 -25.43 -11.67 -9.56
C ALA B 1049 -25.32 -10.18 -9.25
N THR B 1050 -25.32 -9.84 -7.96
CA THR B 1050 -25.30 -8.42 -7.58
C THR B 1050 -23.92 -7.82 -7.78
N VAL B 1051 -22.89 -8.41 -7.16
CA VAL B 1051 -21.54 -7.86 -7.25
C VAL B 1051 -21.04 -7.92 -8.69
N ARG B 1052 -21.29 -9.03 -9.39
CA ARG B 1052 -20.83 -9.16 -10.76
C ARG B 1052 -21.49 -8.13 -11.68
N SER B 1053 -22.80 -7.92 -11.54
CA SER B 1053 -23.49 -6.94 -12.37
C SER B 1053 -23.03 -5.52 -12.05
N VAL B 1054 -22.85 -5.21 -10.76
CA VAL B 1054 -22.37 -3.88 -10.38
C VAL B 1054 -20.98 -3.63 -10.93
N THR B 1055 -20.11 -4.64 -10.85
CA THR B 1055 -18.76 -4.51 -11.40
C THR B 1055 -18.79 -4.35 -12.92
N HIS B 1056 -19.67 -5.08 -13.60
CA HIS B 1056 -19.79 -4.94 -15.04
C HIS B 1056 -20.26 -3.55 -15.43
N VAL B 1057 -21.20 -2.98 -14.66
CA VAL B 1057 -21.65 -1.62 -14.94
C VAL B 1057 -20.53 -0.62 -14.66
N ASN B 1058 -19.78 -0.82 -13.57
CA ASN B 1058 -18.71 0.11 -13.23
C ASN B 1058 -17.61 0.09 -14.29
N ALA B 1059 -17.31 -1.08 -14.84
CA ALA B 1059 -16.24 -1.19 -15.83
C ALA B 1059 -16.57 -0.45 -17.13
N LEU B 1060 -17.84 -0.16 -17.39
CA LEU B 1060 -18.25 0.49 -18.62
C LEU B 1060 -18.59 1.97 -18.44
N THR B 1061 -18.40 2.52 -17.25
CA THR B 1061 -18.71 3.92 -17.00
C THR B 1061 -17.60 4.81 -17.53
N VAL B 1062 -17.98 5.84 -18.30
CA VAL B 1062 -17.06 6.84 -18.83
C VAL B 1062 -17.27 8.12 -18.07
N MET B 1063 -16.20 8.61 -17.44
CA MET B 1063 -16.24 9.82 -16.64
C MET B 1063 -15.84 11.04 -17.48
N ARG B 1064 -16.14 12.22 -16.95
CA ARG B 1064 -15.82 13.46 -17.64
C ARG B 1064 -14.32 13.73 -17.56
N THR B 1065 -13.68 13.92 -18.71
CA THR B 1065 -12.26 14.20 -18.74
C THR B 1065 -11.93 15.58 -18.18
N ALA B 1066 -12.89 16.51 -18.19
CA ALA B 1066 -12.68 17.85 -17.64
C ALA B 1066 -12.93 17.82 -16.14
N ILE B 1067 -11.98 17.21 -15.43
CA ILE B 1067 -12.08 17.06 -13.98
C ILE B 1067 -11.77 18.40 -13.33
N ALA B 1068 -12.68 18.89 -12.50
CA ALA B 1068 -12.44 20.12 -11.77
C ALA B 1068 -11.33 19.89 -10.75
N PRO B 1069 -10.38 20.81 -10.63
CA PRO B 1069 -9.27 20.62 -9.67
C PRO B 1069 -9.80 20.47 -8.25
N GLY B 1070 -9.30 19.44 -7.57
CA GLY B 1070 -9.71 19.19 -6.19
C GLY B 1070 -11.18 18.89 -6.03
N ASP B 1071 -11.78 18.20 -7.00
CA ASP B 1071 -13.20 17.88 -6.97
C ASP B 1071 -13.40 16.44 -7.41
N LYS B 1072 -14.48 15.84 -6.92
CA LYS B 1072 -14.81 14.47 -7.30
C LYS B 1072 -15.25 14.43 -8.76
N PRO B 1073 -14.77 13.45 -9.53
CA PRO B 1073 -15.19 13.35 -10.94
C PRO B 1073 -16.68 13.06 -11.07
N GLN B 1074 -17.23 13.49 -12.20
CA GLN B 1074 -18.64 13.33 -12.49
C GLN B 1074 -18.82 12.34 -13.65
N ILE B 1075 -19.82 11.47 -13.51
CA ILE B 1075 -20.06 10.46 -14.53
C ILE B 1075 -20.59 11.12 -15.80
N GLN B 1076 -19.95 10.81 -16.93
CA GLN B 1076 -20.40 11.35 -18.21
C GLN B 1076 -21.43 10.45 -18.88
N GLU B 1077 -21.15 9.15 -18.97
CA GLU B 1077 -22.05 8.24 -19.65
C GLU B 1077 -21.75 6.81 -19.23
N VAL B 1078 -22.63 5.90 -19.64
CA VAL B 1078 -22.42 4.46 -19.51
C VAL B 1078 -22.68 3.83 -20.87
N ARG B 1079 -21.79 2.95 -21.31
CA ARG B 1079 -21.89 2.33 -22.63
C ARG B 1079 -22.88 1.17 -22.58
N GLU B 1080 -24.03 1.37 -23.21
CA GLU B 1080 -25.08 0.35 -23.23
C GLU B 1080 -24.96 -0.47 -24.51
N GLN B 1081 -24.77 -1.77 -24.36
CA GLN B 1081 -24.54 -2.66 -25.50
C GLN B 1081 -24.70 -4.11 -25.04
N ARG B 1082 -24.84 -5.01 -26.03
CA ARG B 1082 -25.07 -6.42 -25.76
C ARG B 1082 -23.86 -7.30 -26.06
N VAL B 1083 -22.82 -6.77 -26.68
CA VAL B 1083 -21.73 -7.61 -27.16
C VAL B 1083 -20.93 -8.19 -26.01
N THR B 1084 -20.65 -7.37 -24.98
CA THR B 1084 -19.77 -7.83 -23.90
C THR B 1084 -20.36 -9.02 -23.14
N GLY B 1085 -21.67 -8.99 -22.87
CA GLY B 1085 -22.28 -10.10 -22.16
C GLY B 1085 -22.23 -11.40 -22.95
N VAL B 1086 -22.52 -11.31 -24.25
CA VAL B 1086 -22.45 -12.49 -25.12
C VAL B 1086 -21.02 -13.02 -25.17
N LEU B 1087 -20.04 -12.11 -25.28
CA LEU B 1087 -18.66 -12.54 -25.32
C LEU B 1087 -18.24 -13.21 -24.02
N ILE B 1088 -18.64 -12.66 -22.88
CA ILE B 1088 -18.28 -13.24 -21.59
C ILE B 1088 -18.90 -14.62 -21.43
N ALA B 1089 -20.18 -14.77 -21.78
CA ALA B 1089 -20.82 -16.07 -21.68
C ALA B 1089 -20.18 -17.09 -22.62
N SER B 1090 -19.85 -16.66 -23.85
CA SER B 1090 -19.19 -17.55 -24.79
C SER B 1090 -17.83 -17.99 -24.29
N LEU B 1091 -17.06 -17.06 -23.71
CA LEU B 1091 -15.75 -17.42 -23.17
C LEU B 1091 -15.88 -18.38 -22.00
N VAL B 1092 -16.86 -18.15 -21.12
CA VAL B 1092 -17.07 -19.05 -20.00
C VAL B 1092 -17.41 -20.45 -20.50
N GLY B 1093 -18.26 -20.54 -21.51
CA GLY B 1093 -18.60 -21.84 -22.08
C GLY B 1093 -17.43 -22.50 -22.79
N LEU B 1094 -16.59 -21.69 -23.44
CA LEU B 1094 -15.47 -22.20 -24.22
C LEU B 1094 -14.25 -22.54 -23.39
N SER B 1095 -14.21 -22.10 -22.12
CA SER B 1095 -13.05 -22.35 -21.28
C SER B 1095 -12.75 -23.82 -21.05
N ILE B 1096 -13.63 -24.74 -21.48
CA ILE B 1096 -13.36 -26.16 -21.29
C ILE B 1096 -12.27 -26.66 -22.23
N VAL B 1097 -11.96 -25.93 -23.29
CA VAL B 1097 -10.89 -26.32 -24.22
C VAL B 1097 -9.65 -25.45 -24.09
N MET B 1098 -9.68 -24.42 -23.23
CA MET B 1098 -8.53 -23.56 -22.99
C MET B 1098 -7.83 -23.90 -21.68
N GLY B 1099 -7.80 -25.18 -21.31
CA GLY B 1099 -7.19 -25.57 -20.05
C GLY B 1099 -5.70 -25.31 -19.99
N ALA B 1100 -5.01 -25.43 -21.13
CA ALA B 1100 -3.57 -25.21 -21.15
C ALA B 1100 -3.21 -23.78 -20.75
N VAL B 1101 -3.98 -22.81 -21.24
CA VAL B 1101 -3.73 -21.41 -20.89
C VAL B 1101 -4.11 -21.16 -19.44
N LEU B 1102 -5.21 -21.77 -18.97
CA LEU B 1102 -5.73 -21.48 -17.64
C LEU B 1102 -4.90 -22.12 -16.53
N ARG B 1103 -4.22 -23.24 -16.81
CA ARG B 1103 -3.44 -23.91 -15.78
C ARG B 1103 -2.17 -23.18 -15.40
N ARG B 1104 -1.93 -21.99 -15.95
CA ARG B 1104 -0.77 -21.18 -15.62
C ARG B 1104 -1.09 -19.98 -14.75
N ILE B 1105 -2.33 -19.89 -14.25
CA ILE B 1105 -2.79 -18.75 -13.47
C ILE B 1105 -3.02 -19.20 -12.04
N PRO B 1106 -2.29 -18.68 -11.06
CA PRO B 1106 -2.54 -19.06 -9.66
C PRO B 1106 -3.80 -18.41 -9.12
N LEU B 1107 -4.26 -18.96 -7.99
CA LEU B 1107 -5.51 -18.50 -7.38
C LEU B 1107 -5.35 -17.25 -6.54
N ALA B 1108 -4.12 -16.91 -6.13
CA ALA B 1108 -3.91 -15.73 -5.28
C ALA B 1108 -4.18 -14.44 -6.03
N VAL B 1109 -3.84 -14.41 -7.32
CA VAL B 1109 -4.17 -13.25 -8.15
C VAL B 1109 -5.69 -13.06 -8.20
N LEU B 1110 -6.43 -14.15 -8.36
CA LEU B 1110 -7.88 -14.06 -8.33
C LEU B 1110 -8.39 -13.62 -6.95
N PHE B 1111 -7.71 -14.04 -5.88
CA PHE B 1111 -8.07 -13.56 -4.56
C PHE B 1111 -7.94 -12.04 -4.46
N GLY B 1112 -6.83 -11.51 -4.97
CA GLY B 1112 -6.65 -10.07 -4.98
C GLY B 1112 -7.68 -9.35 -5.82
N ILE B 1113 -8.03 -9.92 -6.96
CA ILE B 1113 -9.06 -9.34 -7.82
C ILE B 1113 -10.41 -9.32 -7.12
N PHE B 1114 -10.75 -10.40 -6.43
CA PHE B 1114 -12.01 -10.45 -5.68
C PHE B 1114 -12.01 -9.43 -4.55
N LEU B 1115 -10.88 -9.26 -3.88
CA LEU B 1115 -10.79 -8.26 -2.82
C LEU B 1115 -11.01 -6.86 -3.39
N TYR B 1116 -10.41 -6.56 -4.53
CA TYR B 1116 -10.61 -5.26 -5.16
C TYR B 1116 -12.07 -5.07 -5.55
N MET B 1117 -12.70 -6.10 -6.11
CA MET B 1117 -14.11 -6.00 -6.50
C MET B 1117 -14.99 -5.73 -5.29
N GLY B 1118 -14.78 -6.48 -4.21
CA GLY B 1118 -15.59 -6.30 -3.02
C GLY B 1118 -15.39 -4.95 -2.37
N VAL B 1119 -14.16 -4.44 -2.39
CA VAL B 1119 -13.90 -3.13 -1.81
C VAL B 1119 -14.56 -2.04 -2.65
N THR B 1120 -14.43 -2.10 -3.97
CA THR B 1120 -15.01 -1.07 -4.81
C THR B 1120 -16.52 -1.17 -4.91
N SER B 1121 -17.11 -2.31 -4.54
CA SER B 1121 -18.55 -2.42 -4.53
C SER B 1121 -19.22 -1.72 -3.35
N LEU B 1122 -18.46 -1.42 -2.30
CA LEU B 1122 -19.00 -0.80 -1.10
C LEU B 1122 -18.94 0.72 -1.12
N SER B 1123 -18.36 1.32 -2.15
CA SER B 1123 -18.25 2.77 -2.22
C SER B 1123 -19.45 3.45 -2.87
N GLY B 1124 -20.37 2.68 -3.45
CA GLY B 1124 -21.56 3.21 -4.06
C GLY B 1124 -22.81 3.15 -3.21
N ILE B 1125 -22.67 2.93 -1.90
CA ILE B 1125 -23.80 2.77 -0.99
C ILE B 1125 -23.82 3.94 -0.03
N GLN B 1126 -25.00 4.54 0.14
CA GLN B 1126 -25.13 5.67 1.07
C GLN B 1126 -24.89 5.24 2.51
N LEU B 1127 -25.17 3.98 2.84
CA LEU B 1127 -24.92 3.49 4.18
C LEU B 1127 -23.44 3.57 4.54
N SER B 1128 -22.55 3.39 3.55
CA SER B 1128 -21.12 3.49 3.82
C SER B 1128 -20.74 4.91 4.23
N GLN B 1129 -21.24 5.92 3.52
CA GLN B 1129 -20.95 7.30 3.88
C GLN B 1129 -21.55 7.65 5.23
N ARG B 1130 -22.80 7.26 5.47
CA ARG B 1130 -23.43 7.53 6.76
C ARG B 1130 -22.78 6.77 7.90
N LEU B 1131 -22.07 5.69 7.60
CA LEU B 1131 -21.33 4.95 8.62
C LEU B 1131 -19.96 5.57 8.88
N LEU B 1132 -19.33 6.12 7.84
CA LEU B 1132 -18.09 6.87 8.05
C LEU B 1132 -18.34 8.17 8.80
N LEU B 1133 -19.53 8.75 8.65
CA LEU B 1133 -19.84 9.99 9.36
C LEU B 1133 -19.95 9.82 10.86
N ILE B 1134 -19.98 8.59 11.37
CA ILE B 1134 -20.01 8.39 12.81
C ILE B 1134 -18.68 8.79 13.44
N LEU B 1135 -17.57 8.46 12.78
CA LEU B 1135 -16.25 8.74 13.35
C LEU B 1135 -15.92 10.22 13.30
N MET B 1136 -16.31 10.91 12.24
CA MET B 1136 -15.98 12.31 12.09
C MET B 1136 -16.73 13.16 13.11
N PRO B 1137 -16.16 14.28 13.53
CA PRO B 1137 -16.89 15.20 14.41
C PRO B 1137 -18.06 15.84 13.69
N ALA B 1138 -19.01 16.32 14.50
CA ALA B 1138 -20.28 16.80 13.97
C ALA B 1138 -20.16 18.08 13.14
N LYS B 1139 -19.01 18.76 13.15
CA LYS B 1139 -18.86 20.00 12.41
C LYS B 1139 -18.17 19.83 11.07
N HIS B 1140 -17.75 18.61 10.72
CA HIS B 1140 -17.10 18.34 9.44
C HIS B 1140 -18.02 17.60 8.47
N HIS B 1141 -19.28 17.41 8.83
CA HIS B 1141 -20.19 16.65 7.98
C HIS B 1141 -20.50 17.42 6.70
N PRO B 1142 -20.70 16.72 5.58
CA PRO B 1142 -20.97 17.42 4.31
C PRO B 1142 -22.37 18.00 4.24
N GLU B 1143 -22.74 18.54 3.07
CA GLU B 1143 -24.00 19.24 2.89
C GLU B 1143 -25.09 18.33 2.30
N GLN B 1144 -25.07 17.05 2.65
CA GLN B 1144 -26.10 16.14 2.15
C GLN B 1144 -27.45 16.45 2.81
N PRO B 1145 -28.55 16.13 2.13
CA PRO B 1145 -29.87 16.47 2.69
C PRO B 1145 -30.19 15.78 4.00
N TYR B 1146 -29.55 14.65 4.32
CA TYR B 1146 -29.79 13.98 5.59
C TYR B 1146 -28.95 14.54 6.71
N VAL B 1147 -28.11 15.55 6.44
CA VAL B 1147 -27.34 16.23 7.47
C VAL B 1147 -27.98 17.56 7.86
N THR B 1148 -28.44 18.33 6.88
CA THR B 1148 -29.01 19.65 7.17
C THR B 1148 -30.39 19.53 7.82
N LYS B 1149 -31.25 18.66 7.29
CA LYS B 1149 -32.64 18.59 7.72
C LYS B 1149 -32.86 17.60 8.87
N VAL B 1150 -31.84 16.86 9.28
CA VAL B 1150 -31.97 15.84 10.31
C VAL B 1150 -30.95 16.12 11.40
N LYS B 1151 -31.38 15.99 12.66
CA LYS B 1151 -30.47 16.15 13.78
C LYS B 1151 -29.39 15.08 13.73
N THR B 1152 -28.24 15.38 14.33
CA THR B 1152 -27.10 14.48 14.26
C THR B 1152 -27.40 13.15 14.95
N TRP B 1153 -28.06 13.21 16.10
CA TRP B 1153 -28.36 12.00 16.86
C TRP B 1153 -29.56 11.24 16.33
N ARG B 1154 -30.37 11.85 15.45
CA ARG B 1154 -31.50 11.17 14.83
C ARG B 1154 -31.14 10.50 13.51
N MET B 1155 -29.94 10.76 12.99
CA MET B 1155 -29.45 10.07 11.81
C MET B 1155 -28.53 8.91 12.14
N HIS B 1156 -28.02 8.85 13.38
CA HIS B 1156 -27.27 7.69 13.85
C HIS B 1156 -28.18 6.55 14.31
N LEU B 1157 -29.41 6.87 14.73
CA LEU B 1157 -30.36 5.82 15.09
C LEU B 1157 -30.83 5.04 13.87
N PHE B 1158 -31.02 5.74 12.74
CA PHE B 1158 -31.36 5.08 11.48
C PHE B 1158 -30.27 4.08 11.09
N THR B 1159 -29.01 4.51 11.16
CA THR B 1159 -27.90 3.62 10.85
C THR B 1159 -27.81 2.47 11.82
N CYS B 1160 -28.12 2.73 13.10
CA CYS B 1160 -28.12 1.66 14.10
C CYS B 1160 -29.15 0.60 13.78
N ILE B 1161 -30.36 1.03 13.38
CA ILE B 1161 -31.41 0.08 13.02
C ILE B 1161 -31.00 -0.73 11.79
N GLN B 1162 -30.42 -0.06 10.79
CA GLN B 1162 -29.98 -0.77 9.60
C GLN B 1162 -28.90 -1.80 9.93
N LEU B 1163 -27.93 -1.42 10.78
CA LEU B 1163 -26.87 -2.35 11.16
C LEU B 1163 -27.42 -3.52 11.97
N GLY B 1164 -28.40 -3.26 12.84
CA GLY B 1164 -29.03 -4.35 13.56
C GLY B 1164 -29.72 -5.33 12.64
N CYS B 1165 -30.42 -4.81 11.62
CA CYS B 1165 -31.06 -5.69 10.64
C CYS B 1165 -30.01 -6.50 9.88
N ILE B 1166 -28.91 -5.87 9.48
CA ILE B 1166 -27.86 -6.58 8.76
C ILE B 1166 -27.28 -7.70 9.63
N ALA B 1167 -27.00 -7.40 10.90
CA ALA B 1167 -26.43 -8.41 11.79
C ALA B 1167 -27.40 -9.57 12.01
N LEU B 1168 -28.68 -9.26 12.20
CA LEU B 1168 -29.67 -10.32 12.37
C LEU B 1168 -29.75 -11.21 11.13
N LEU B 1169 -29.73 -10.60 9.94
CA LEU B 1169 -29.78 -11.38 8.71
C LEU B 1169 -28.55 -12.27 8.57
N TRP B 1170 -27.36 -11.74 8.88
CA TRP B 1170 -26.16 -12.56 8.81
C TRP B 1170 -26.21 -13.71 9.80
N VAL B 1171 -26.68 -13.46 11.02
CA VAL B 1171 -26.78 -14.52 12.02
C VAL B 1171 -27.75 -15.60 11.55
N VAL B 1172 -28.88 -15.19 10.97
CA VAL B 1172 -29.85 -16.16 10.45
C VAL B 1172 -29.24 -16.97 9.33
N LYS B 1173 -28.47 -16.33 8.44
CA LYS B 1173 -27.83 -17.04 7.35
C LYS B 1173 -26.84 -18.08 7.87
N SER B 1174 -26.09 -17.74 8.93
CA SER B 1174 -25.07 -18.66 9.41
C SER B 1174 -25.64 -19.93 10.05
N THR B 1175 -26.79 -19.83 10.71
CA THR B 1175 -27.34 -20.97 11.45
C THR B 1175 -28.10 -21.89 10.51
N ALA B 1176 -28.83 -22.84 11.08
CA ALA B 1176 -29.52 -23.87 10.29
C ALA B 1176 -30.86 -23.39 9.73
N ALA B 1177 -31.29 -22.17 10.06
CA ALA B 1177 -32.50 -21.59 9.51
C ALA B 1177 -32.23 -20.68 8.31
N SER B 1178 -31.15 -20.95 7.56
CA SER B 1178 -30.78 -20.09 6.44
C SER B 1178 -31.81 -20.15 5.32
N LEU B 1179 -32.58 -21.24 5.25
CA LEU B 1179 -33.57 -21.39 4.20
C LEU B 1179 -34.67 -20.35 4.30
N ALA B 1180 -34.81 -19.69 5.45
CA ALA B 1180 -35.78 -18.63 5.65
C ALA B 1180 -35.20 -17.24 5.42
N PHE B 1181 -33.95 -17.16 4.94
CA PHE B 1181 -33.34 -15.84 4.70
C PHE B 1181 -34.09 -15.02 3.65
N PRO B 1182 -34.49 -15.56 2.49
CA PRO B 1182 -35.24 -14.71 1.54
C PRO B 1182 -36.53 -14.16 2.11
N PHE B 1183 -37.20 -14.89 3.00
CA PHE B 1183 -38.42 -14.39 3.61
C PHE B 1183 -38.13 -13.23 4.56
N LEU B 1184 -37.12 -13.39 5.42
CA LEU B 1184 -36.85 -12.39 6.46
C LEU B 1184 -36.48 -11.04 5.84
N LEU B 1185 -35.69 -11.06 4.76
CA LEU B 1185 -35.40 -9.82 4.05
C LEU B 1185 -36.67 -9.18 3.54
N LEU B 1186 -37.60 -9.98 3.00
CA LEU B 1186 -38.87 -9.46 2.55
C LEU B 1186 -39.70 -8.87 3.68
N LEU B 1187 -39.34 -9.18 4.93
CA LEU B 1187 -40.03 -8.60 6.07
C LEU B 1187 -39.52 -7.21 6.44
N THR B 1188 -38.50 -6.71 5.75
CA THR B 1188 -38.06 -5.35 6.01
C THR B 1188 -38.85 -4.32 5.21
N VAL B 1189 -39.75 -4.75 4.33
CA VAL B 1189 -40.58 -3.82 3.56
C VAL B 1189 -41.74 -3.33 4.43
N PRO B 1190 -42.48 -4.19 5.14
CA PRO B 1190 -43.47 -3.64 6.09
C PRO B 1190 -42.84 -2.78 7.17
N LEU B 1191 -41.64 -3.13 7.62
CA LEU B 1191 -41.00 -2.39 8.71
C LEU B 1191 -40.81 -0.93 8.35
N ARG B 1192 -40.42 -0.64 7.10
CA ARG B 1192 -40.25 0.74 6.68
C ARG B 1192 -41.58 1.42 6.44
N HIS B 1193 -42.64 0.66 6.15
CA HIS B 1193 -43.91 1.24 5.77
C HIS B 1193 -44.97 1.15 6.87
N CYS B 1194 -44.65 0.55 8.02
CA CYS B 1194 -45.64 0.42 9.08
C CYS B 1194 -45.12 0.91 10.42
N LEU B 1195 -43.83 0.71 10.69
CA LEU B 1195 -43.25 1.04 11.99
C LEU B 1195 -42.34 2.25 11.97
N LEU B 1196 -41.52 2.41 10.93
CA LEU B 1196 -40.69 3.60 10.84
C LEU B 1196 -41.48 4.91 10.85
N PRO B 1197 -42.61 5.04 10.16
CA PRO B 1197 -43.39 6.29 10.28
C PRO B 1197 -43.85 6.59 11.70
N ARG B 1198 -43.96 5.58 12.56
CA ARG B 1198 -44.35 5.81 13.95
C ARG B 1198 -43.24 6.45 14.78
N LEU B 1199 -41.99 6.32 14.36
CA LEU B 1199 -40.86 6.93 15.04
C LEU B 1199 -40.38 8.22 14.37
N PHE B 1200 -40.04 8.15 13.09
CA PHE B 1200 -39.53 9.30 12.36
C PHE B 1200 -40.67 10.09 11.75
N GLN B 1201 -40.42 11.38 11.50
CA GLN B 1201 -41.38 12.23 10.84
C GLN B 1201 -41.24 12.12 9.33
N ASP B 1202 -42.25 12.64 8.61
CA ASP B 1202 -42.24 12.55 7.17
C ASP B 1202 -41.08 13.34 6.57
N ARG B 1203 -40.77 14.51 7.12
CA ARG B 1203 -39.63 15.29 6.63
C ARG B 1203 -38.33 14.54 6.85
N GLU B 1204 -38.16 13.89 8.00
CA GLU B 1204 -36.95 13.12 8.26
C GLU B 1204 -36.86 11.90 7.35
N LEU B 1205 -37.98 11.19 7.17
CA LEU B 1205 -37.97 9.98 6.37
C LEU B 1205 -37.74 10.28 4.89
N GLN B 1206 -38.30 11.38 4.38
CA GLN B 1206 -38.16 11.74 2.98
C GLN B 1206 -36.73 12.08 2.61
N ALA B 1207 -35.94 12.63 3.52
CA ALA B 1207 -34.54 12.94 3.27
C ALA B 1207 -33.57 11.83 3.68
N LEU B 1208 -33.91 11.05 4.70
CA LEU B 1208 -33.04 9.96 5.13
C LEU B 1208 -33.10 8.77 4.17
N ASP B 1209 -34.26 8.52 3.59
CA ASP B 1209 -34.48 7.39 2.69
C ASP B 1209 -34.89 8.03 1.36
N SER B 1210 -33.89 8.37 0.55
CA SER B 1210 -34.08 9.01 -0.76
C SER B 1210 -35.13 10.11 -0.75
C BCT C . 23.59 10.18 6.42
O1 BCT C . 22.70 9.96 7.23
O2 BCT C . 24.78 10.49 6.53
O3 BCT C . 23.20 9.81 5.09
C BCT D . -22.82 -11.96 -6.14
O1 BCT D . -21.96 -11.68 -6.95
O2 BCT D . -23.84 -12.65 -6.18
O3 BCT D . -22.43 -11.59 -4.81
#